data_4ZFK
#
_entry.id   4ZFK
#
_cell.length_a   61.796
_cell.length_b   109.993
_cell.length_c   139.327
_cell.angle_alpha   90.000
_cell.angle_beta   90.000
_cell.angle_gamma   90.000
#
_symmetry.space_group_name_H-M   'P 21 21 21'
#
loop_
_entity.id
_entity.type
_entity.pdbx_description
1 polymer 'Amidohydrolase EgtC'
2 non-polymer 1,2-ETHANEDIOL
3 non-polymer GLUTAMINE
4 water water
#
_entity_poly.entity_id   1
_entity_poly.type   'polypeptide(L)'
_entity_poly.pdbx_seq_one_letter_code
;MCRHVAWLGAPRSLADLVLDPPQGLLVQSYAPRRQKHGLMNADGWGAGFFDDDGVARRWRSDKPLWGDASFASVAPALRS
RCVVAAVRSATIGMPIEPSASAPFSDGQWLLSHNGLVDRGVLPLTGAAESTVDSAILAALIFSRGLDALGATIAEVGELD
PNARLNILAANGSRLLATTWGDTLSVLRRPDGVVLASEPYDDDPGWSDIPDRHLVDVRDAHVVVTPLLEHHHHHH
;
_entity_poly.pdbx_strand_id   A,B,C,D
#
# COMPACT_ATOMS: atom_id res chain seq x y z
N CYS A 2 -6.22 3.85 -19.91
CA CYS A 2 -6.82 2.64 -19.34
C CYS A 2 -7.15 1.63 -20.42
N ARG A 3 -7.38 0.39 -20.01
CA ARG A 3 -7.95 -0.63 -20.87
C ARG A 3 -9.01 -1.37 -20.06
N HIS A 4 -10.12 -1.74 -20.68
CA HIS A 4 -11.11 -2.53 -19.97
C HIS A 4 -11.66 -3.68 -20.81
N VAL A 5 -12.37 -4.57 -20.13
CA VAL A 5 -12.90 -5.79 -20.74
C VAL A 5 -14.16 -6.18 -19.99
N ALA A 6 -15.12 -6.72 -20.72
CA ALA A 6 -16.36 -7.18 -20.14
C ALA A 6 -16.79 -8.49 -20.76
N TRP A 7 -17.50 -9.28 -19.96
CA TRP A 7 -18.00 -10.59 -20.34
C TRP A 7 -19.47 -10.68 -20.01
N LEU A 8 -20.25 -11.23 -20.94
CA LEU A 8 -21.64 -11.56 -20.66
C LEU A 8 -21.93 -12.91 -21.29
N GLY A 9 -22.20 -13.92 -20.46
CA GLY A 9 -22.46 -15.26 -20.99
C GLY A 9 -22.46 -16.32 -19.91
N ALA A 10 -22.09 -17.55 -20.29
CA ALA A 10 -21.94 -18.63 -19.33
C ALA A 10 -20.86 -18.26 -18.32
N PRO A 11 -20.90 -18.87 -17.13
CA PRO A 11 -19.90 -18.54 -16.11
C PRO A 11 -18.47 -18.65 -16.62
N ARG A 12 -17.68 -17.64 -16.31
CA ARG A 12 -16.29 -17.58 -16.72
C ARG A 12 -15.47 -17.10 -15.53
N SER A 13 -14.27 -17.62 -15.33
CA SER A 13 -13.46 -17.18 -14.20
C SER A 13 -12.81 -15.83 -14.50
N LEU A 14 -12.56 -15.05 -13.46
CA LEU A 14 -11.88 -13.78 -13.65
C LEU A 14 -10.49 -14.00 -14.25
N ALA A 15 -9.82 -15.07 -13.84
CA ALA A 15 -8.49 -15.35 -14.37
C ALA A 15 -8.56 -15.64 -15.87
N ASP A 16 -9.55 -16.42 -16.27
CA ASP A 16 -9.68 -16.80 -17.68
C ASP A 16 -9.93 -15.60 -18.57
N LEU A 17 -10.62 -14.60 -18.04
CA LEU A 17 -10.94 -13.40 -18.82
C LEU A 17 -9.83 -12.37 -18.79
N VAL A 18 -9.18 -12.21 -17.63
CA VAL A 18 -8.28 -11.09 -17.35
C VAL A 18 -6.80 -11.45 -17.37
N LEU A 19 -6.45 -12.60 -16.81
CA LEU A 19 -5.06 -12.95 -16.57
C LEU A 19 -4.48 -13.92 -17.60
N ASP A 20 -5.28 -14.89 -18.05
CA ASP A 20 -4.77 -15.99 -18.85
C ASP A 20 -4.62 -15.73 -20.36
N PRO A 21 -5.43 -14.83 -20.95
CA PRO A 21 -5.23 -14.66 -22.41
C PRO A 21 -3.86 -14.10 -22.74
N PRO A 22 -3.32 -14.45 -23.92
CA PRO A 22 -1.95 -14.07 -24.26
C PRO A 22 -1.73 -12.57 -24.43
N GLN A 23 -2.78 -11.81 -24.73
CA GLN A 23 -2.69 -10.36 -24.88
C GLN A 23 -3.82 -9.67 -24.12
N GLY A 24 -4.23 -10.27 -23.02
CA GLY A 24 -5.34 -9.78 -22.21
C GLY A 24 -4.93 -8.68 -21.23
N LEU A 25 -5.83 -8.36 -20.31
CA LEU A 25 -5.64 -7.21 -19.43
C LEU A 25 -4.32 -7.24 -18.66
N LEU A 26 -3.92 -8.43 -18.22
CA LEU A 26 -2.64 -8.57 -17.51
C LEU A 26 -1.48 -8.05 -18.38
N VAL A 27 -1.41 -8.51 -19.61
CA VAL A 27 -0.37 -8.08 -20.53
C VAL A 27 -0.52 -6.58 -20.83
N GLN A 28 -1.77 -6.12 -20.97
CA GLN A 28 -2.02 -4.72 -21.28
C GLN A 28 -1.64 -3.79 -20.15
N SER A 29 -1.41 -4.32 -18.95
CA SER A 29 -1.02 -3.46 -17.84
C SER A 29 0.41 -2.97 -18.05
N TYR A 30 1.23 -3.73 -18.78
CA TYR A 30 2.61 -3.28 -19.07
C TYR A 30 2.93 -3.16 -20.57
N ALA A 31 2.12 -3.75 -21.44
CA ALA A 31 2.39 -3.74 -22.87
C ALA A 31 1.10 -3.76 -23.71
N PRO A 32 0.29 -2.70 -23.61
CA PRO A 32 -0.92 -2.60 -24.43
C PRO A 32 -0.57 -2.48 -25.91
N ARG A 33 -1.44 -2.98 -26.80
CA ARG A 33 -1.12 -3.06 -28.22
C ARG A 33 -1.76 -1.93 -29.04
N ARG A 34 -2.83 -1.33 -28.52
CA ARG A 34 -3.60 -0.36 -29.30
C ARG A 34 -3.94 0.89 -28.53
N GLN A 35 -3.03 1.33 -27.68
CA GLN A 35 -3.31 2.42 -26.76
C GLN A 35 -2.55 3.68 -27.15
N LYS A 36 -3.29 4.70 -27.57
CA LYS A 36 -2.66 5.95 -28.00
C LYS A 36 -2.23 6.82 -26.81
N HIS A 37 -3.03 6.80 -25.75
CA HIS A 37 -2.79 7.65 -24.58
C HIS A 37 -2.40 6.80 -23.38
N GLY A 38 -1.11 6.85 -23.03
CA GLY A 38 -0.54 6.09 -21.93
C GLY A 38 0.34 4.97 -22.45
N LEU A 39 1.56 4.88 -21.94
CA LEU A 39 2.50 3.83 -22.32
C LEU A 39 2.11 2.49 -21.71
N MET A 40 1.39 2.55 -20.60
CA MET A 40 1.03 1.34 -19.88
C MET A 40 -0.15 1.64 -18.96
N ASN A 41 -0.57 0.66 -18.18
CA ASN A 41 -1.69 0.82 -17.27
C ASN A 41 -1.32 0.20 -15.94
N ALA A 42 -0.45 0.90 -15.21
CA ALA A 42 0.15 0.38 -14.00
C ALA A 42 -0.31 1.10 -12.73
N ASP A 43 -1.31 1.96 -12.85
CA ASP A 43 -1.73 2.80 -11.74
C ASP A 43 -2.95 2.24 -11.01
N GLY A 44 -3.10 0.93 -11.05
CA GLY A 44 -4.20 0.28 -10.37
C GLY A 44 -4.99 -0.56 -11.34
N TRP A 45 -6.00 -1.24 -10.82
CA TRP A 45 -6.85 -2.11 -11.59
C TRP A 45 -8.11 -2.41 -10.80
N GLY A 46 -9.06 -3.05 -11.45
CA GLY A 46 -10.24 -3.50 -10.75
C GLY A 46 -10.99 -4.54 -11.52
N ALA A 47 -11.67 -5.40 -10.77
CA ALA A 47 -12.49 -6.45 -11.35
C ALA A 47 -13.82 -6.48 -10.61
N GLY A 48 -14.89 -6.23 -11.36
CA GLY A 48 -16.24 -6.31 -10.84
C GLY A 48 -16.99 -7.45 -11.49
N PHE A 49 -17.84 -8.11 -10.71
CA PHE A 49 -18.63 -9.22 -11.23
C PHE A 49 -19.95 -9.34 -10.49
N PHE A 50 -20.89 -10.04 -11.12
CA PHE A 50 -22.19 -10.30 -10.49
C PHE A 50 -22.23 -11.76 -10.04
N ASP A 51 -22.61 -11.99 -8.79
CA ASP A 51 -22.59 -13.36 -8.29
C ASP A 51 -23.90 -14.03 -8.68
N ASP A 52 -24.11 -15.24 -8.18
CA ASP A 52 -25.27 -16.04 -8.59
C ASP A 52 -26.59 -15.42 -8.16
N ASP A 53 -26.55 -14.51 -7.19
CA ASP A 53 -27.76 -13.85 -6.71
C ASP A 53 -27.92 -12.44 -7.29
N GLY A 54 -27.09 -12.10 -8.29
CA GLY A 54 -27.19 -10.82 -8.96
C GLY A 54 -26.58 -9.65 -8.19
N VAL A 55 -25.83 -9.97 -7.14
CA VAL A 55 -25.15 -8.94 -6.37
C VAL A 55 -23.84 -8.54 -7.05
N ALA A 56 -23.64 -7.24 -7.22
CA ALA A 56 -22.39 -6.74 -7.78
C ALA A 56 -21.31 -6.73 -6.71
N ARG A 57 -20.15 -7.29 -7.05
CA ARG A 57 -19.01 -7.34 -6.14
C ARG A 57 -17.80 -6.81 -6.86
N ARG A 58 -16.88 -6.21 -6.10
CA ARG A 58 -15.73 -5.52 -6.68
C ARG A 58 -14.46 -5.74 -5.88
N TRP A 59 -13.37 -5.94 -6.61
CA TRP A 59 -12.03 -6.00 -6.07
C TRP A 59 -11.22 -4.93 -6.80
N ARG A 60 -10.73 -3.93 -6.07
CA ARG A 60 -9.97 -2.84 -6.70
C ARG A 60 -8.64 -2.59 -6.02
N SER A 61 -7.73 -1.99 -6.77
CA SER A 61 -6.37 -1.80 -6.29
C SER A 61 -5.75 -0.56 -6.90
N ASP A 62 -4.73 -0.03 -6.25
CA ASP A 62 -3.93 1.06 -6.78
C ASP A 62 -2.53 0.61 -7.18
N LYS A 63 -2.31 -0.71 -7.26
CA LYS A 63 -1.03 -1.27 -7.63
C LYS A 63 -1.08 -1.85 -9.04
N PRO A 64 0.10 -2.07 -9.67
CA PRO A 64 0.10 -2.71 -11.00
C PRO A 64 -0.46 -4.12 -10.94
N LEU A 65 -1.32 -4.46 -11.89
CA LEU A 65 -1.97 -5.76 -11.91
C LEU A 65 -0.95 -6.91 -11.94
N TRP A 66 0.16 -6.72 -12.65
CA TRP A 66 1.13 -7.81 -12.85
C TRP A 66 1.77 -8.23 -11.55
N GLY A 67 1.74 -7.37 -10.54
CA GLY A 67 2.40 -7.67 -9.29
C GLY A 67 1.48 -8.16 -8.20
N ASP A 68 0.19 -8.30 -8.48
CA ASP A 68 -0.75 -8.64 -7.42
C ASP A 68 -0.87 -10.16 -7.25
N ALA A 69 -0.16 -10.69 -6.24
CA ALA A 69 -0.08 -12.12 -6.04
C ALA A 69 -1.41 -12.68 -5.52
N SER A 70 -2.12 -11.88 -4.73
CA SER A 70 -3.41 -12.32 -4.17
C SER A 70 -4.43 -12.51 -5.29
N PHE A 71 -4.55 -11.54 -6.20
CA PHE A 71 -5.47 -11.68 -7.32
C PHE A 71 -5.07 -12.83 -8.24
N ALA A 72 -3.77 -13.01 -8.46
CA ALA A 72 -3.32 -14.13 -9.29
C ALA A 72 -3.72 -15.47 -8.66
N SER A 73 -3.65 -15.54 -7.33
CA SER A 73 -3.99 -16.76 -6.61
C SER A 73 -5.51 -17.00 -6.56
N VAL A 74 -6.29 -15.95 -6.32
CA VAL A 74 -7.72 -16.12 -6.08
C VAL A 74 -8.59 -16.04 -7.36
N ALA A 75 -8.15 -15.26 -8.36
CA ALA A 75 -8.97 -15.02 -9.55
C ALA A 75 -9.47 -16.29 -10.27
N PRO A 76 -8.66 -17.38 -10.28
CA PRO A 76 -9.20 -18.57 -10.94
C PRO A 76 -10.38 -19.18 -10.21
N ALA A 77 -10.59 -18.82 -8.95
CA ALA A 77 -11.66 -19.42 -8.16
C ALA A 77 -12.93 -18.56 -8.15
N LEU A 78 -12.89 -17.43 -8.84
CA LEU A 78 -14.05 -16.54 -8.93
C LEU A 78 -14.66 -16.59 -10.31
N ARG A 79 -15.86 -17.16 -10.41
CA ARG A 79 -16.56 -17.31 -11.69
C ARG A 79 -17.84 -16.47 -11.72
N SER A 80 -18.17 -15.95 -12.89
CA SER A 80 -19.34 -15.10 -13.05
C SER A 80 -19.86 -15.10 -14.48
N ARG A 81 -21.16 -14.84 -14.59
CA ARG A 81 -21.83 -14.68 -15.87
C ARG A 81 -21.67 -13.28 -16.44
N CYS A 82 -21.23 -12.34 -15.60
CA CYS A 82 -21.11 -10.96 -16.05
C CYS A 82 -19.97 -10.25 -15.30
N VAL A 83 -18.99 -9.80 -16.06
CA VAL A 83 -17.76 -9.22 -15.50
C VAL A 83 -17.42 -7.92 -16.21
N VAL A 84 -16.96 -6.93 -15.45
CA VAL A 84 -16.31 -5.75 -16.01
C VAL A 84 -14.99 -5.53 -15.26
N ALA A 85 -13.88 -5.49 -15.99
CA ALA A 85 -12.56 -5.31 -15.39
C ALA A 85 -11.74 -4.29 -16.16
N ALA A 86 -10.76 -3.68 -15.47
CA ALA A 86 -9.96 -2.61 -16.05
C ALA A 86 -8.58 -2.54 -15.44
N VAL A 87 -7.64 -2.02 -16.23
CA VAL A 87 -6.33 -1.61 -15.72
C VAL A 87 -6.19 -0.12 -15.96
N ARG A 88 -5.60 0.57 -15.01
CA ARG A 88 -5.62 2.03 -15.02
C ARG A 88 -4.32 2.68 -15.44
N SER A 89 -4.44 3.68 -16.31
CA SER A 89 -3.36 4.61 -16.61
C SER A 89 -3.82 5.96 -16.11
N ALA A 90 -3.31 6.36 -14.95
CA ALA A 90 -3.79 7.57 -14.29
C ALA A 90 -3.38 8.82 -15.05
N THR A 91 -4.34 9.71 -15.27
CA THR A 91 -4.04 11.03 -15.80
C THR A 91 -3.19 11.79 -14.79
N ILE A 92 -2.17 12.48 -15.27
CA ILE A 92 -1.29 13.26 -14.40
C ILE A 92 -2.13 14.23 -13.58
N GLY A 93 -1.91 14.22 -12.26
CA GLY A 93 -2.65 15.10 -11.36
C GLY A 93 -3.87 14.47 -10.69
N MET A 94 -4.32 13.32 -11.20
CA MET A 94 -5.44 12.63 -10.60
C MET A 94 -4.94 11.78 -9.43
N PRO A 95 -5.78 11.56 -8.41
CA PRO A 95 -5.35 10.72 -7.29
C PRO A 95 -5.10 9.29 -7.74
N ILE A 96 -4.17 8.60 -7.09
CA ILE A 96 -3.98 7.17 -7.31
C ILE A 96 -4.33 6.47 -6.02
N GLU A 97 -5.42 5.72 -6.06
CA GLU A 97 -6.06 5.15 -4.89
C GLU A 97 -7.13 4.19 -5.41
N PRO A 98 -7.43 3.12 -4.65
CA PRO A 98 -8.38 2.13 -5.17
C PRO A 98 -9.74 2.72 -5.60
N SER A 99 -10.24 3.72 -4.91
CA SER A 99 -11.55 4.29 -5.24
C SER A 99 -11.56 4.98 -6.62
N ALA A 100 -10.37 5.33 -7.11
CA ALA A 100 -10.25 6.00 -8.40
C ALA A 100 -10.11 5.00 -9.57
N SER A 101 -9.97 3.72 -9.25
CA SER A 101 -9.89 2.68 -10.27
C SER A 101 -11.26 2.20 -10.70
N ALA A 102 -11.45 2.01 -12.00
CA ALA A 102 -12.65 1.34 -12.48
C ALA A 102 -12.62 -0.12 -12.04
N PRO A 103 -13.81 -0.75 -11.92
CA PRO A 103 -15.13 -0.20 -12.20
C PRO A 103 -15.76 0.53 -11.00
N PHE A 104 -16.51 1.58 -11.32
CA PHE A 104 -17.37 2.26 -10.37
C PHE A 104 -18.69 1.53 -10.32
N SER A 105 -19.46 1.74 -9.26
CA SER A 105 -20.75 1.07 -9.10
C SER A 105 -21.79 1.92 -8.40
N ASP A 106 -23.03 1.84 -8.87
CA ASP A 106 -24.16 2.37 -8.12
C ASP A 106 -24.97 1.24 -7.48
N GLY A 107 -24.40 0.04 -7.45
CA GLY A 107 -25.07 -1.11 -6.88
C GLY A 107 -25.84 -1.97 -7.87
N GLN A 108 -26.19 -1.40 -9.02
CA GLN A 108 -26.92 -2.13 -10.07
C GLN A 108 -26.05 -2.29 -11.31
N TRP A 109 -25.29 -1.24 -11.61
CA TRP A 109 -24.39 -1.19 -12.76
C TRP A 109 -22.94 -1.06 -12.33
N LEU A 110 -22.06 -1.82 -12.98
CA LEU A 110 -20.61 -1.61 -12.95
C LEU A 110 -20.23 -0.75 -14.14
N LEU A 111 -19.27 0.16 -13.97
CA LEU A 111 -18.92 1.10 -15.06
C LEU A 111 -17.45 1.45 -15.07
N SER A 112 -16.85 1.38 -16.26
CA SER A 112 -15.45 1.74 -16.45
C SER A 112 -15.38 2.85 -17.48
N HIS A 113 -14.43 3.75 -17.30
CA HIS A 113 -14.18 4.83 -18.25
C HIS A 113 -12.73 4.79 -18.72
N ASN A 114 -12.57 4.75 -20.03
CA ASN A 114 -11.28 4.93 -20.68
C ASN A 114 -11.30 6.27 -21.41
N GLY A 115 -10.50 7.22 -20.92
CA GLY A 115 -10.40 8.52 -21.55
C GLY A 115 -10.09 9.63 -20.57
N LEU A 116 -10.65 10.80 -20.84
CA LEU A 116 -10.32 12.00 -20.10
C LEU A 116 -11.39 13.03 -20.38
N VAL A 117 -11.88 13.69 -19.33
CA VAL A 117 -12.85 14.77 -19.50
C VAL A 117 -12.59 15.87 -18.49
N ASP A 118 -12.80 17.12 -18.90
CA ASP A 118 -12.63 18.24 -17.97
C ASP A 118 -13.79 18.26 -16.97
N ARG A 119 -13.48 18.06 -15.69
CA ARG A 119 -14.52 17.97 -14.67
C ARG A 119 -15.40 19.24 -14.60
N GLY A 120 -14.87 20.36 -15.09
CA GLY A 120 -15.62 21.60 -15.12
C GLY A 120 -16.90 21.50 -15.94
N VAL A 121 -16.94 20.61 -16.93
CA VAL A 121 -18.14 20.51 -17.77
C VAL A 121 -19.15 19.54 -17.18
N LEU A 122 -18.77 18.87 -16.09
CA LEU A 122 -19.66 17.93 -15.41
C LEU A 122 -20.33 18.61 -14.23
N PRO A 123 -21.58 18.21 -13.92
CA PRO A 123 -22.18 18.76 -12.70
C PRO A 123 -21.39 18.39 -11.45
N LEU A 124 -21.38 19.27 -10.46
CA LEU A 124 -20.87 18.92 -9.14
C LEU A 124 -21.78 17.83 -8.60
N THR A 125 -21.23 16.96 -7.77
CA THR A 125 -22.00 15.86 -7.21
C THR A 125 -21.51 15.52 -5.82
N GLY A 126 -22.41 15.02 -4.99
CA GLY A 126 -22.06 14.50 -3.67
C GLY A 126 -22.01 12.98 -3.68
N ALA A 127 -22.18 12.38 -4.85
CA ALA A 127 -22.35 10.92 -4.94
C ALA A 127 -21.19 10.21 -5.65
N ALA A 128 -20.06 10.87 -5.80
CA ALA A 128 -18.92 10.28 -6.50
C ALA A 128 -18.06 9.46 -5.54
N GLU A 129 -17.44 8.40 -6.07
CA GLU A 129 -16.60 7.51 -5.28
C GLU A 129 -15.18 8.05 -5.09
N SER A 130 -14.84 9.03 -5.91
CA SER A 130 -13.49 9.58 -5.95
C SER A 130 -13.57 10.92 -6.66
N THR A 131 -12.49 11.69 -6.60
CA THR A 131 -12.45 12.97 -7.27
C THR A 131 -11.92 12.86 -8.71
N VAL A 132 -11.43 11.68 -9.10
CA VAL A 132 -10.95 11.50 -10.48
C VAL A 132 -12.09 11.77 -11.48
N ASP A 133 -11.73 12.24 -12.67
CA ASP A 133 -12.74 12.67 -13.63
C ASP A 133 -13.69 11.52 -13.94
N SER A 134 -13.15 10.31 -14.05
CA SER A 134 -13.96 9.13 -14.37
C SER A 134 -15.05 8.87 -13.35
N ALA A 135 -14.78 9.18 -12.09
CA ALA A 135 -15.73 8.92 -11.02
C ALA A 135 -16.84 9.96 -11.04
N ILE A 136 -16.48 11.20 -11.38
CA ILE A 136 -17.46 12.28 -11.47
C ILE A 136 -18.35 12.02 -12.69
N LEU A 137 -17.72 11.52 -13.75
CA LEU A 137 -18.45 11.15 -14.95
C LEU A 137 -19.37 9.97 -14.68
N ALA A 138 -18.86 8.96 -13.97
CA ALA A 138 -19.70 7.81 -13.63
C ALA A 138 -20.93 8.22 -12.85
N ALA A 139 -20.75 9.14 -11.89
CA ALA A 139 -21.87 9.61 -11.07
C ALA A 139 -22.94 10.27 -11.96
N LEU A 140 -22.50 11.05 -12.94
CA LEU A 140 -23.43 11.68 -13.89
C LEU A 140 -24.17 10.62 -14.70
N ILE A 141 -23.43 9.67 -15.26
CA ILE A 141 -24.04 8.61 -16.06
C ILE A 141 -25.06 7.82 -15.23
N PHE A 142 -24.68 7.43 -14.02
CA PHE A 142 -25.60 6.72 -13.14
C PHE A 142 -26.85 7.55 -12.85
N SER A 143 -26.67 8.85 -12.64
CA SER A 143 -27.78 9.75 -12.31
C SER A 143 -28.79 9.86 -13.45
N ARG A 144 -28.26 9.95 -14.67
CA ARG A 144 -29.12 10.11 -15.85
C ARG A 144 -29.73 8.78 -16.27
N GLY A 145 -29.11 7.68 -15.85
CA GLY A 145 -29.57 6.34 -16.18
C GLY A 145 -28.83 5.75 -17.37
N LEU A 146 -28.48 4.47 -17.30
CA LEU A 146 -27.70 3.85 -18.37
C LEU A 146 -28.53 3.76 -19.65
N ASP A 147 -29.86 3.82 -19.51
CA ASP A 147 -30.76 3.87 -20.65
C ASP A 147 -30.59 5.15 -21.46
N ALA A 148 -29.95 6.15 -20.87
CA ALA A 148 -29.64 7.39 -21.58
C ALA A 148 -28.13 7.55 -21.77
N LEU A 149 -27.39 6.45 -21.71
CA LEU A 149 -25.93 6.51 -21.84
C LEU A 149 -25.51 7.29 -23.08
N GLY A 150 -26.08 6.95 -24.22
CA GLY A 150 -25.74 7.62 -25.48
C GLY A 150 -25.96 9.13 -25.44
N ALA A 151 -27.10 9.56 -24.93
CA ALA A 151 -27.38 10.98 -24.81
C ALA A 151 -26.39 11.68 -23.88
N THR A 152 -26.13 11.08 -22.73
CA THR A 152 -25.21 11.67 -21.78
C THR A 152 -23.83 11.87 -22.38
N ILE A 153 -23.34 10.84 -23.07
CA ILE A 153 -22.01 10.90 -23.64
C ILE A 153 -21.94 11.93 -24.76
N ALA A 154 -22.96 11.98 -25.61
CA ALA A 154 -22.97 12.97 -26.69
C ALA A 154 -23.03 14.39 -26.10
N GLU A 155 -23.79 14.54 -25.02
CA GLU A 155 -23.93 15.82 -24.35
C GLU A 155 -22.60 16.28 -23.77
N VAL A 156 -21.94 15.40 -23.03
CA VAL A 156 -20.64 15.70 -22.43
C VAL A 156 -19.60 15.97 -23.52
N GLY A 157 -19.62 15.17 -24.58
CA GLY A 157 -18.73 15.37 -25.70
C GLY A 157 -18.89 16.73 -26.38
N GLU A 158 -20.11 17.24 -26.40
CA GLU A 158 -20.37 18.58 -26.94
C GLU A 158 -19.74 19.65 -26.05
N LEU A 159 -19.91 19.49 -24.74
CA LEU A 159 -19.39 20.45 -23.78
C LEU A 159 -17.87 20.47 -23.75
N ASP A 160 -17.27 19.27 -23.79
CA ASP A 160 -15.81 19.14 -23.85
C ASP A 160 -15.39 18.45 -25.15
N PRO A 161 -15.13 19.25 -26.19
CA PRO A 161 -14.81 18.69 -27.50
C PRO A 161 -13.52 17.89 -27.55
N ASN A 162 -12.67 18.02 -26.52
CA ASN A 162 -11.43 17.25 -26.48
C ASN A 162 -11.55 15.99 -25.64
N ALA A 163 -12.71 15.78 -25.05
CA ALA A 163 -12.91 14.66 -24.14
C ALA A 163 -12.88 13.33 -24.90
N ARG A 164 -12.31 12.32 -24.25
CA ARG A 164 -12.41 10.92 -24.69
C ARG A 164 -13.29 10.20 -23.68
N LEU A 165 -14.32 9.54 -24.18
CA LEU A 165 -15.41 9.05 -23.34
C LEU A 165 -15.82 7.61 -23.67
N ASN A 166 -14.84 6.70 -23.63
CA ASN A 166 -15.14 5.28 -23.80
C ASN A 166 -15.67 4.69 -22.51
N ILE A 167 -16.94 4.31 -22.53
CA ILE A 167 -17.59 3.69 -21.39
C ILE A 167 -17.78 2.21 -21.65
N LEU A 168 -17.66 1.42 -20.60
CA LEU A 168 -18.00 0.00 -20.64
C LEU A 168 -18.73 -0.33 -19.33
N ALA A 169 -19.96 -0.79 -19.44
CA ALA A 169 -20.81 -0.98 -18.26
C ALA A 169 -21.63 -2.23 -18.37
N ALA A 170 -22.08 -2.74 -17.23
CA ALA A 170 -22.84 -3.98 -17.18
C ALA A 170 -23.69 -4.06 -15.94
N ASN A 171 -24.83 -4.75 -16.05
CA ASN A 171 -25.76 -4.88 -14.94
C ASN A 171 -26.10 -6.34 -14.61
N GLY A 172 -25.32 -7.27 -15.15
CA GLY A 172 -25.54 -8.69 -14.89
C GLY A 172 -26.20 -9.44 -16.04
N SER A 173 -26.95 -8.71 -16.86
CA SER A 173 -27.66 -9.34 -17.98
CA SER A 173 -27.66 -9.34 -17.98
C SER A 173 -27.55 -8.52 -19.27
N ARG A 174 -26.70 -7.49 -19.25
CA ARG A 174 -26.59 -6.58 -20.37
C ARG A 174 -25.24 -5.86 -20.31
N LEU A 175 -24.61 -5.67 -21.47
CA LEU A 175 -23.45 -4.80 -21.58
C LEU A 175 -23.81 -3.55 -22.36
N LEU A 176 -23.27 -2.42 -21.94
CA LEU A 176 -23.40 -1.18 -22.71
C LEU A 176 -22.02 -0.56 -22.83
N ALA A 177 -21.72 -0.03 -24.00
CA ALA A 177 -20.44 0.59 -24.24
C ALA A 177 -20.54 1.73 -25.25
N THR A 178 -19.63 2.70 -25.13
CA THR A 178 -19.48 3.76 -26.12
C THR A 178 -18.04 3.81 -26.60
N THR A 179 -17.89 4.11 -27.88
CA THR A 179 -16.62 4.56 -28.43
C THR A 179 -16.73 6.06 -28.63
N TRP A 180 -15.82 6.81 -28.00
CA TRP A 180 -15.78 8.25 -28.16
C TRP A 180 -14.33 8.68 -27.99
N GLY A 181 -13.51 8.31 -28.96
CA GLY A 181 -12.13 8.76 -29.00
C GLY A 181 -11.12 7.73 -28.53
N ASP A 182 -11.56 6.50 -28.22
CA ASP A 182 -10.62 5.40 -27.98
C ASP A 182 -11.19 4.10 -28.51
N THR A 183 -10.42 3.03 -28.34
CA THR A 183 -10.66 1.78 -29.05
C THR A 183 -11.61 0.84 -28.33
N LEU A 184 -12.34 0.04 -29.12
CA LEU A 184 -13.17 -1.04 -28.60
C LEU A 184 -13.38 -2.12 -29.67
N SER A 185 -13.41 -3.37 -29.22
CA SER A 185 -13.61 -4.51 -30.11
C SER A 185 -14.61 -5.47 -29.46
N VAL A 186 -15.14 -6.37 -30.27
CA VAL A 186 -16.10 -7.34 -29.79
C VAL A 186 -15.74 -8.73 -30.30
N LEU A 187 -15.94 -9.72 -29.44
CA LEU A 187 -15.80 -11.13 -29.78
C LEU A 187 -17.04 -11.87 -29.38
N ARG A 188 -17.68 -12.56 -30.33
CA ARG A 188 -18.81 -13.41 -30.00
C ARG A 188 -18.33 -14.86 -29.87
N ARG A 189 -18.45 -15.41 -28.67
CA ARG A 189 -18.10 -16.80 -28.38
C ARG A 189 -19.37 -17.66 -28.42
N PRO A 190 -19.20 -18.99 -28.45
CA PRO A 190 -20.39 -19.86 -28.43
C PRO A 190 -21.18 -19.70 -27.13
N ASP A 191 -20.50 -19.29 -26.06
CA ASP A 191 -21.11 -19.25 -24.73
C ASP A 191 -21.17 -17.84 -24.17
N GLY A 192 -20.96 -16.84 -25.01
CA GLY A 192 -21.09 -15.46 -24.56
C GLY A 192 -20.38 -14.44 -25.42
N VAL A 193 -20.35 -13.22 -24.93
CA VAL A 193 -19.80 -12.09 -25.66
C VAL A 193 -18.76 -11.33 -24.84
N VAL A 194 -17.67 -10.94 -25.50
CA VAL A 194 -16.66 -10.08 -24.92
C VAL A 194 -16.68 -8.71 -25.58
N LEU A 195 -16.58 -7.67 -24.77
CA LEU A 195 -16.25 -6.33 -25.24
C LEU A 195 -14.94 -5.96 -24.59
N ALA A 196 -14.06 -5.34 -25.35
CA ALA A 196 -12.72 -5.05 -24.86
C ALA A 196 -12.08 -3.88 -25.57
N SER A 197 -11.31 -3.10 -24.83
CA SER A 197 -10.56 -1.99 -25.43
C SER A 197 -9.70 -2.50 -26.58
N GLU A 198 -9.15 -3.69 -26.42
CA GLU A 198 -8.42 -4.32 -27.51
C GLU A 198 -8.49 -5.85 -27.37
N PRO A 199 -8.48 -6.57 -28.51
CA PRO A 199 -8.54 -8.04 -28.47
C PRO A 199 -7.49 -8.67 -27.55
N TYR A 200 -7.91 -9.65 -26.76
CA TYR A 200 -6.99 -10.29 -25.82
C TYR A 200 -6.24 -11.49 -26.43
N ASP A 201 -6.50 -11.74 -27.71
CA ASP A 201 -5.76 -12.76 -28.48
C ASP A 201 -6.00 -12.44 -29.95
N ASP A 202 -5.67 -13.38 -30.84
CA ASP A 202 -5.81 -13.16 -32.28
C ASP A 202 -6.93 -14.04 -32.87
N ASP A 203 -7.92 -14.32 -32.03
CA ASP A 203 -9.14 -15.01 -32.48
C ASP A 203 -9.68 -14.33 -33.75
N PRO A 204 -9.93 -15.10 -34.82
CA PRO A 204 -10.37 -14.40 -36.04
C PRO A 204 -11.78 -13.79 -35.91
N GLY A 205 -12.46 -14.06 -34.80
CA GLY A 205 -13.79 -13.52 -34.57
C GLY A 205 -13.80 -12.09 -34.06
N TRP A 206 -12.65 -11.55 -33.67
CA TRP A 206 -12.58 -10.17 -33.19
C TRP A 206 -12.98 -9.20 -34.31
N SER A 207 -13.79 -8.20 -33.97
CA SER A 207 -14.06 -7.10 -34.90
C SER A 207 -14.06 -5.77 -34.13
N ASP A 208 -13.66 -4.71 -34.81
CA ASP A 208 -13.50 -3.41 -34.17
C ASP A 208 -14.78 -2.59 -34.30
N ILE A 209 -15.07 -1.84 -33.25
CA ILE A 209 -16.24 -0.96 -33.23
C ILE A 209 -15.83 0.42 -33.74
N PRO A 210 -16.54 0.96 -34.75
CA PRO A 210 -16.18 2.30 -35.21
C PRO A 210 -16.40 3.37 -34.15
N ASP A 211 -15.67 4.49 -34.26
CA ASP A 211 -15.76 5.56 -33.28
C ASP A 211 -17.16 6.19 -33.28
N ARG A 212 -17.50 6.84 -32.18
CA ARG A 212 -18.79 7.52 -32.01
C ARG A 212 -19.97 6.56 -32.21
N HIS A 213 -19.91 5.42 -31.53
CA HIS A 213 -20.98 4.45 -31.58
C HIS A 213 -21.34 3.94 -30.18
N LEU A 214 -22.57 3.43 -30.07
CA LEU A 214 -23.07 2.75 -28.88
C LEU A 214 -23.15 1.25 -29.16
N VAL A 215 -22.69 0.44 -28.21
CA VAL A 215 -22.80 -1.02 -28.31
C VAL A 215 -23.68 -1.53 -27.18
N ASP A 216 -24.61 -2.42 -27.53
CA ASP A 216 -25.64 -2.91 -26.64
C ASP A 216 -25.71 -4.43 -26.76
N VAL A 217 -25.32 -5.13 -25.71
CA VAL A 217 -25.25 -6.59 -25.73
C VAL A 217 -26.23 -7.19 -24.76
N ARG A 218 -27.12 -8.04 -25.27
CA ARG A 218 -28.14 -8.65 -24.43
C ARG A 218 -28.87 -9.71 -25.22
N ASP A 219 -29.28 -10.79 -24.54
CA ASP A 219 -30.04 -11.87 -25.18
C ASP A 219 -29.29 -12.42 -26.39
N ALA A 220 -27.97 -12.52 -26.25
CA ALA A 220 -27.10 -13.08 -27.29
C ALA A 220 -27.14 -12.24 -28.58
N HIS A 221 -27.58 -10.99 -28.47
CA HIS A 221 -27.59 -10.04 -29.58
C HIS A 221 -26.59 -8.93 -29.33
N VAL A 222 -25.88 -8.51 -30.37
CA VAL A 222 -24.97 -7.36 -30.30
C VAL A 222 -25.47 -6.29 -31.27
N VAL A 223 -25.85 -5.13 -30.72
CA VAL A 223 -26.42 -4.06 -31.53
C VAL A 223 -25.52 -2.83 -31.45
N VAL A 224 -25.09 -2.37 -32.62
CA VAL A 224 -24.15 -1.25 -32.71
C VAL A 224 -24.86 -0.11 -33.41
N THR A 225 -24.93 1.06 -32.76
CA THR A 225 -25.66 2.19 -33.30
C THR A 225 -24.83 3.46 -33.23
N PRO A 226 -24.94 4.32 -34.24
CA PRO A 226 -24.15 5.55 -34.22
C PRO A 226 -24.64 6.50 -33.13
N LEU A 227 -23.72 7.20 -32.48
CA LEU A 227 -24.07 8.32 -31.60
C LEU A 227 -24.12 9.59 -32.46
N LEU A 228 -25.23 10.32 -32.37
CA LEU A 228 -25.42 11.53 -33.16
C LEU A 228 -25.40 12.76 -32.26
N CYS B 2 -1.06 -11.76 17.04
CA CYS B 2 -1.96 -12.13 15.96
C CYS B 2 -3.17 -12.86 16.51
N ARG B 3 -4.18 -13.03 15.67
CA ARG B 3 -5.28 -13.95 15.95
C ARG B 3 -5.53 -14.76 14.68
N HIS B 4 -5.87 -16.04 14.83
CA HIS B 4 -6.20 -16.82 13.64
C HIS B 4 -7.40 -17.72 13.85
N VAL B 5 -7.92 -18.22 12.73
CA VAL B 5 -9.12 -19.05 12.72
C VAL B 5 -8.99 -20.07 11.58
N ALA B 6 -9.52 -21.26 11.80
CA ALA B 6 -9.56 -22.26 10.75
C ALA B 6 -10.89 -23.01 10.75
N TRP B 7 -11.25 -23.49 9.57
CA TRP B 7 -12.47 -24.24 9.36
C TRP B 7 -12.16 -25.50 8.60
N LEU B 8 -12.79 -26.59 9.00
CA LEU B 8 -12.77 -27.83 8.25
C LEU B 8 -14.17 -28.43 8.30
N GLY B 9 -14.83 -28.48 7.15
CA GLY B 9 -16.14 -29.09 7.08
C GLY B 9 -16.84 -28.81 5.77
N ALA B 10 -18.16 -28.71 5.82
CA ALA B 10 -18.96 -28.37 4.65
C ALA B 10 -18.59 -26.97 4.17
N PRO B 11 -18.88 -26.67 2.89
CA PRO B 11 -18.47 -25.37 2.37
C PRO B 11 -19.03 -24.22 3.20
N ARG B 12 -18.15 -23.27 3.45
CA ARG B 12 -18.45 -22.09 4.23
C ARG B 12 -17.77 -20.90 3.58
N SER B 13 -18.44 -19.74 3.53
CA SER B 13 -17.82 -18.57 2.89
C SER B 13 -16.78 -17.94 3.82
N LEU B 14 -15.76 -17.32 3.22
CA LEU B 14 -14.75 -16.63 4.01
C LEU B 14 -15.39 -15.55 4.87
N ALA B 15 -16.40 -14.86 4.32
CA ALA B 15 -17.11 -13.83 5.06
C ALA B 15 -17.78 -14.41 6.30
N ASP B 16 -18.47 -15.53 6.11
CA ASP B 16 -19.20 -16.17 7.21
C ASP B 16 -18.27 -16.59 8.36
N LEU B 17 -17.04 -16.97 8.02
CA LEU B 17 -16.08 -17.39 9.04
C LEU B 17 -15.34 -16.21 9.70
N VAL B 18 -15.04 -15.20 8.88
CA VAL B 18 -14.08 -14.17 9.24
C VAL B 18 -14.72 -12.80 9.55
N LEU B 19 -15.66 -12.38 8.70
CA LEU B 19 -16.21 -11.02 8.79
C LEU B 19 -17.52 -10.97 9.57
N ASP B 20 -18.34 -12.00 9.42
CA ASP B 20 -19.72 -11.93 9.87
C ASP B 20 -19.95 -12.26 11.37
N PRO B 21 -19.13 -13.12 11.97
CA PRO B 21 -19.42 -13.42 13.39
C PRO B 21 -19.31 -12.17 14.28
N PRO B 22 -20.08 -12.11 15.37
CA PRO B 22 -20.12 -10.88 16.16
C PRO B 22 -18.83 -10.51 16.88
N GLN B 23 -17.96 -11.48 17.17
CA GLN B 23 -16.64 -11.18 17.74
C GLN B 23 -15.57 -12.04 17.07
N GLY B 24 -15.67 -12.12 15.75
CA GLY B 24 -14.75 -12.89 14.94
C GLY B 24 -13.51 -12.12 14.56
N LEU B 25 -12.78 -12.66 13.59
CA LEU B 25 -11.49 -12.10 13.21
C LEU B 25 -11.53 -10.61 12.86
N LEU B 26 -12.57 -10.19 12.14
CA LEU B 26 -12.72 -8.77 11.78
C LEU B 26 -12.74 -7.91 13.04
N VAL B 27 -13.55 -8.29 14.01
CA VAL B 27 -13.65 -7.52 15.24
C VAL B 27 -12.33 -7.60 15.99
N GLN B 28 -11.66 -8.75 15.93
CA GLN B 28 -10.39 -8.95 16.62
C GLN B 28 -9.26 -8.09 16.05
N SER B 29 -9.42 -7.58 14.83
CA SER B 29 -8.38 -6.76 14.23
C SER B 29 -8.25 -5.42 14.97
N TYR B 30 -9.33 -4.94 15.57
CA TYR B 30 -9.27 -3.72 16.39
C TYR B 30 -9.67 -3.88 17.87
N ALA B 31 -10.24 -5.02 18.24
CA ALA B 31 -10.73 -5.19 19.61
C ALA B 31 -10.76 -6.68 20.02
N PRO B 32 -9.58 -7.31 20.08
CA PRO B 32 -9.48 -8.70 20.51
C PRO B 32 -9.88 -8.83 21.98
N ARG B 33 -10.45 -9.98 22.36
CA ARG B 33 -11.05 -10.14 23.68
C ARG B 33 -10.19 -10.90 24.65
N ARG B 34 -9.24 -11.70 24.15
CA ARG B 34 -8.40 -12.46 25.06
C ARG B 34 -6.95 -12.53 24.57
N GLN B 35 -6.43 -11.37 24.18
CA GLN B 35 -5.07 -11.26 23.63
C GLN B 35 -4.15 -10.54 24.61
N LYS B 36 -3.17 -11.26 25.14
CA LYS B 36 -2.30 -10.72 26.16
C LYS B 36 -1.19 -9.87 25.54
N HIS B 37 -0.75 -10.27 24.35
CA HIS B 37 0.32 -9.56 23.65
C HIS B 37 -0.19 -8.92 22.37
N GLY B 38 -0.23 -7.58 22.38
CA GLY B 38 -0.78 -6.79 21.29
C GLY B 38 -2.14 -6.22 21.63
N LEU B 39 -2.30 -4.91 21.41
CA LEU B 39 -3.57 -4.23 21.67
C LEU B 39 -4.59 -4.51 20.58
N MET B 40 -4.08 -4.83 19.40
CA MET B 40 -4.88 -4.94 18.19
C MET B 40 -4.13 -5.79 17.20
N ASN B 41 -4.73 -6.01 16.04
CA ASN B 41 -4.10 -6.78 14.99
C ASN B 41 -4.36 -6.09 13.67
N ALA B 42 -3.66 -4.99 13.46
CA ALA B 42 -3.92 -4.10 12.33
C ALA B 42 -2.77 -4.01 11.34
N ASP B 43 -1.78 -4.89 11.48
CA ASP B 43 -0.59 -4.84 10.64
C ASP B 43 -0.69 -5.77 9.44
N GLY B 44 -1.91 -6.04 9.00
CA GLY B 44 -2.13 -6.93 7.88
C GLY B 44 -3.08 -8.05 8.24
N TRP B 45 -3.35 -8.90 7.26
CA TRP B 45 -4.25 -10.03 7.41
C TRP B 45 -4.03 -11.00 6.24
N GLY B 46 -4.59 -12.19 6.35
CA GLY B 46 -4.51 -13.15 5.27
C GLY B 46 -5.64 -14.15 5.38
N ALA B 47 -6.11 -14.59 4.22
CA ALA B 47 -7.08 -15.69 4.19
C ALA B 47 -6.66 -16.69 3.13
N GLY B 48 -6.41 -17.91 3.57
CA GLY B 48 -6.09 -19.02 2.69
C GLY B 48 -7.20 -20.04 2.72
N PHE B 49 -7.42 -20.69 1.58
CA PHE B 49 -8.47 -21.68 1.47
C PHE B 49 -8.12 -22.67 0.39
N PHE B 50 -8.75 -23.83 0.47
CA PHE B 50 -8.60 -24.87 -0.52
C PHE B 50 -9.84 -24.86 -1.41
N ASP B 51 -9.62 -24.79 -2.72
CA ASP B 51 -10.75 -24.72 -3.64
C ASP B 51 -11.27 -26.12 -3.90
N ASP B 52 -12.20 -26.25 -4.84
CA ASP B 52 -12.87 -27.53 -5.06
C ASP B 52 -11.95 -28.60 -5.66
N ASP B 53 -10.78 -28.16 -6.14
CA ASP B 53 -9.79 -29.09 -6.68
C ASP B 53 -8.67 -29.36 -5.68
N GLY B 54 -8.82 -28.85 -4.45
CA GLY B 54 -7.82 -29.06 -3.42
C GLY B 54 -6.60 -28.18 -3.58
N VAL B 55 -6.73 -27.14 -4.40
CA VAL B 55 -5.64 -26.17 -4.56
C VAL B 55 -5.71 -25.10 -3.49
N ALA B 56 -4.58 -24.86 -2.82
CA ALA B 56 -4.47 -23.79 -1.84
C ALA B 56 -4.36 -22.44 -2.53
N ARG B 57 -5.21 -21.51 -2.12
CA ARG B 57 -5.18 -20.15 -2.65
C ARG B 57 -5.14 -19.20 -1.48
N ARG B 58 -4.54 -18.03 -1.67
CA ARG B 58 -4.35 -17.07 -0.60
C ARG B 58 -4.57 -15.63 -1.05
N TRP B 59 -5.17 -14.85 -0.15
CA TRP B 59 -5.33 -13.42 -0.28
C TRP B 59 -4.67 -12.82 0.96
N ARG B 60 -3.65 -12.00 0.76
CA ARG B 60 -2.93 -11.42 1.91
C ARG B 60 -2.71 -9.92 1.73
N SER B 61 -2.57 -9.23 2.86
CA SER B 61 -2.47 -7.77 2.91
C SER B 61 -1.58 -7.31 4.06
N ASP B 62 -1.07 -6.08 3.92
CA ASP B 62 -0.32 -5.43 5.00
C ASP B 62 -1.10 -4.25 5.60
N LYS B 63 -2.40 -4.20 5.32
CA LYS B 63 -3.27 -3.14 5.83
C LYS B 63 -4.29 -3.70 6.81
N PRO B 64 -4.94 -2.82 7.60
CA PRO B 64 -5.92 -3.32 8.59
C PRO B 64 -7.13 -3.97 7.94
N LEU B 65 -7.51 -5.14 8.43
CA LEU B 65 -8.61 -5.89 7.85
C LEU B 65 -9.90 -5.07 7.77
N TRP B 66 -10.17 -4.26 8.79
CA TRP B 66 -11.42 -3.50 8.87
C TRP B 66 -11.60 -2.49 7.74
N GLY B 67 -10.51 -2.11 7.09
CA GLY B 67 -10.55 -1.12 6.04
C GLY B 67 -10.54 -1.69 4.64
N ASP B 68 -10.49 -3.01 4.50
CA ASP B 68 -10.37 -3.58 3.16
C ASP B 68 -11.73 -3.82 2.51
N ALA B 69 -12.13 -2.85 1.69
CA ALA B 69 -13.43 -2.89 1.04
C ALA B 69 -13.52 -4.01 0.00
N SER B 70 -12.41 -4.31 -0.65
CA SER B 70 -12.40 -5.38 -1.66
C SER B 70 -12.70 -6.72 -1.01
N PHE B 71 -12.04 -7.01 0.11
CA PHE B 71 -12.30 -8.28 0.80
C PHE B 71 -13.73 -8.32 1.34
N ALA B 72 -14.23 -7.20 1.88
CA ALA B 72 -15.60 -7.17 2.39
C ALA B 72 -16.59 -7.48 1.27
N SER B 73 -16.28 -7.01 0.06
CA SER B 73 -17.15 -7.22 -1.10
C SER B 73 -17.07 -8.65 -1.66
N VAL B 74 -15.86 -9.21 -1.73
CA VAL B 74 -15.66 -10.47 -2.44
C VAL B 74 -15.76 -11.72 -1.53
N ALA B 75 -15.38 -11.56 -0.27
CA ALA B 75 -15.35 -12.69 0.66
C ALA B 75 -16.65 -13.50 0.75
N PRO B 76 -17.84 -12.85 0.66
CA PRO B 76 -19.04 -13.68 0.72
C PRO B 76 -19.17 -14.68 -0.44
N ALA B 77 -18.45 -14.43 -1.53
CA ALA B 77 -18.57 -15.24 -2.74
C ALA B 77 -17.47 -16.30 -2.83
N LEU B 78 -16.61 -16.36 -1.83
CA LEU B 78 -15.55 -17.37 -1.76
C LEU B 78 -15.92 -18.41 -0.71
N ARG B 79 -16.25 -19.61 -1.17
CA ARG B 79 -16.64 -20.70 -0.29
C ARG B 79 -15.61 -21.82 -0.30
N SER B 80 -15.39 -22.44 0.85
CA SER B 80 -14.40 -23.49 0.98
C SER B 80 -14.69 -24.44 2.12
N ARG B 81 -14.23 -25.69 1.95
CA ARG B 81 -14.32 -26.70 2.97
C ARG B 81 -13.16 -26.63 3.96
N CYS B 82 -12.15 -25.81 3.66
CA CYS B 82 -10.97 -25.74 4.50
C CYS B 82 -10.28 -24.39 4.39
N VAL B 83 -10.29 -23.65 5.50
CA VAL B 83 -9.88 -22.26 5.54
C VAL B 83 -8.92 -22.02 6.72
N VAL B 84 -7.87 -21.25 6.48
CA VAL B 84 -7.04 -20.70 7.55
C VAL B 84 -6.86 -19.20 7.31
N ALA B 85 -7.28 -18.38 8.27
CA ALA B 85 -7.19 -16.93 8.14
C ALA B 85 -6.60 -16.31 9.40
N ALA B 86 -5.95 -15.17 9.24
CA ALA B 86 -5.31 -14.48 10.35
C ALA B 86 -5.39 -12.97 10.22
N VAL B 87 -5.30 -12.31 11.37
CA VAL B 87 -5.01 -10.87 11.42
C VAL B 87 -3.73 -10.68 12.21
N ARG B 88 -2.89 -9.74 11.75
CA ARG B 88 -1.53 -9.62 12.25
C ARG B 88 -1.30 -8.47 13.21
N SER B 89 -0.59 -8.78 14.29
CA SER B 89 0.03 -7.76 15.13
C SER B 89 1.53 -7.91 14.99
N ALA B 90 2.15 -6.99 14.25
CA ALA B 90 3.57 -7.15 13.93
C ALA B 90 4.44 -6.91 15.15
N THR B 91 5.37 -7.83 15.41
CA THR B 91 6.41 -7.61 16.39
C THR B 91 7.27 -6.43 15.94
N ILE B 92 7.59 -5.54 16.88
CA ILE B 92 8.43 -4.38 16.58
C ILE B 92 9.73 -4.83 15.94
N GLY B 93 10.10 -4.19 14.84
CA GLY B 93 11.33 -4.54 14.14
C GLY B 93 11.12 -5.51 12.99
N MET B 94 9.96 -6.15 12.93
CA MET B 94 9.66 -7.06 11.83
C MET B 94 9.09 -6.27 10.66
N PRO B 95 9.33 -6.74 9.42
CA PRO B 95 8.79 -6.07 8.25
C PRO B 95 7.27 -6.14 8.21
N ILE B 96 6.64 -5.08 7.71
CA ILE B 96 5.19 -5.10 7.50
C ILE B 96 4.95 -5.06 5.99
N GLU B 97 4.45 -6.17 5.48
CA GLU B 97 4.41 -6.43 4.05
C GLU B 97 3.56 -7.69 3.86
N PRO B 98 2.86 -7.82 2.71
CA PRO B 98 1.97 -8.98 2.58
C PRO B 98 2.66 -10.33 2.78
N SER B 99 3.91 -10.45 2.36
CA SER B 99 4.62 -11.73 2.45
C SER B 99 4.85 -12.15 3.91
N ALA B 100 4.75 -11.20 4.83
CA ALA B 100 4.96 -11.45 6.25
C ALA B 100 3.68 -11.78 7.01
N SER B 101 2.54 -11.69 6.32
CA SER B 101 1.25 -12.00 6.93
C SER B 101 0.91 -13.49 6.78
N ALA B 102 0.37 -14.08 7.83
CA ALA B 102 -0.12 -15.45 7.74
C ALA B 102 -1.39 -15.45 6.89
N PRO B 103 -1.70 -16.56 6.22
CA PRO B 103 -1.00 -17.86 6.28
C PRO B 103 0.14 -18.00 5.28
N PHE B 104 1.18 -18.71 5.72
CA PHE B 104 2.27 -19.14 4.86
C PHE B 104 1.86 -20.45 4.21
N SER B 105 2.55 -20.84 3.15
CA SER B 105 2.17 -22.04 2.43
C SER B 105 3.36 -22.73 1.79
N ASP B 106 3.36 -24.06 1.78
CA ASP B 106 4.34 -24.82 1.00
C ASP B 106 3.62 -25.53 -0.15
N GLY B 107 2.39 -25.11 -0.41
CA GLY B 107 1.59 -25.64 -1.50
C GLY B 107 0.63 -26.72 -1.02
N GLN B 108 1.06 -27.47 -0.01
CA GLN B 108 0.23 -28.51 0.56
C GLN B 108 -0.46 -28.04 1.84
N TRP B 109 0.27 -27.30 2.66
CA TRP B 109 -0.22 -26.79 3.93
C TRP B 109 -0.31 -25.27 3.97
N LEU B 110 -1.39 -24.77 4.55
CA LEU B 110 -1.49 -23.37 4.99
C LEU B 110 -1.11 -23.33 6.45
N LEU B 111 -0.38 -22.31 6.88
CA LEU B 111 0.08 -22.24 8.28
C LEU B 111 0.11 -20.81 8.80
N SER B 112 -0.46 -20.63 10.00
CA SER B 112 -0.38 -19.36 10.72
C SER B 112 0.35 -19.53 12.06
N HIS B 113 1.13 -18.51 12.44
CA HIS B 113 1.82 -18.47 13.73
C HIS B 113 1.40 -17.25 14.54
N ASN B 114 0.93 -17.50 15.76
CA ASN B 114 0.64 -16.47 16.74
C ASN B 114 1.68 -16.59 17.83
N GLY B 115 2.55 -15.59 17.92
CA GLY B 115 3.55 -15.53 18.96
C GLY B 115 4.83 -14.86 18.49
N LEU B 116 5.95 -15.35 19.00
CA LEU B 116 7.23 -14.70 18.79
C LEU B 116 8.35 -15.71 19.06
N VAL B 117 9.39 -15.71 18.23
CA VAL B 117 10.54 -16.58 18.47
C VAL B 117 11.83 -15.93 17.99
N ASP B 118 12.89 -16.16 18.75
CA ASP B 118 14.22 -15.70 18.41
C ASP B 118 14.67 -16.39 17.13
N ARG B 119 14.82 -15.64 16.04
CA ARG B 119 15.24 -16.25 14.77
C ARG B 119 16.63 -16.86 14.88
N GLY B 120 17.40 -16.38 15.84
CA GLY B 120 18.73 -16.90 16.09
C GLY B 120 18.79 -18.34 16.55
N VAL B 121 17.67 -18.94 16.96
CA VAL B 121 17.67 -20.36 17.35
C VAL B 121 17.05 -21.24 16.25
N LEU B 122 16.64 -20.64 15.14
CA LEU B 122 16.06 -21.39 14.04
C LEU B 122 17.09 -21.62 12.94
N PRO B 123 16.97 -22.73 12.20
CA PRO B 123 17.95 -22.94 11.12
C PRO B 123 17.85 -21.88 10.04
N LEU B 124 18.98 -21.57 9.43
CA LEU B 124 19.00 -20.81 8.20
C LEU B 124 18.20 -21.56 7.15
N THR B 125 17.52 -20.83 6.29
CA THR B 125 16.75 -21.46 5.23
C THR B 125 16.78 -20.63 3.96
N GLY B 126 16.68 -21.33 2.83
CA GLY B 126 16.52 -20.67 1.55
C GLY B 126 15.08 -20.73 1.08
N ALA B 127 14.18 -21.24 1.92
CA ALA B 127 12.82 -21.53 1.52
C ALA B 127 11.75 -20.69 2.25
N ALA B 128 12.15 -19.59 2.88
CA ALA B 128 11.19 -18.75 3.59
C ALA B 128 10.51 -17.75 2.66
N GLU B 129 9.28 -17.40 2.98
CA GLU B 129 8.50 -16.42 2.22
C GLU B 129 8.80 -14.99 2.58
N SER B 130 9.42 -14.81 3.74
CA SER B 130 9.66 -13.50 4.30
C SER B 130 10.73 -13.65 5.35
N THR B 131 11.21 -12.53 5.88
CA THR B 131 12.25 -12.53 6.91
C THR B 131 11.65 -12.50 8.32
N VAL B 132 10.35 -12.32 8.42
CA VAL B 132 9.69 -12.29 9.71
C VAL B 132 9.90 -13.64 10.42
N ASP B 133 9.97 -13.62 11.75
CA ASP B 133 10.29 -14.83 12.51
C ASP B 133 9.31 -15.94 12.18
N SER B 134 8.04 -15.59 12.04
CA SER B 134 6.99 -16.57 11.71
C SER B 134 7.23 -17.31 10.40
N ALA B 135 7.78 -16.62 9.40
CA ALA B 135 8.05 -17.25 8.11
C ALA B 135 9.22 -18.23 8.21
N ILE B 136 10.21 -17.87 9.02
CA ILE B 136 11.38 -18.71 9.23
C ILE B 136 10.95 -19.96 9.97
N LEU B 137 10.07 -19.77 10.96
CA LEU B 137 9.52 -20.87 11.74
C LEU B 137 8.67 -21.76 10.84
N ALA B 138 7.84 -21.15 10.01
CA ALA B 138 7.00 -21.90 9.07
C ALA B 138 7.85 -22.81 8.17
N ALA B 139 8.92 -22.26 7.63
CA ALA B 139 9.84 -23.01 6.78
C ALA B 139 10.39 -24.23 7.53
N LEU B 140 10.78 -24.02 8.78
CA LEU B 140 11.28 -25.12 9.61
C LEU B 140 10.21 -26.19 9.78
N ILE B 141 8.99 -25.76 10.12
CA ILE B 141 7.89 -26.69 10.36
C ILE B 141 7.58 -27.49 9.10
N PHE B 142 7.50 -26.82 7.96
CA PHE B 142 7.25 -27.52 6.70
C PHE B 142 8.36 -28.53 6.39
N SER B 143 9.60 -28.15 6.68
CA SER B 143 10.75 -28.99 6.35
CA SER B 143 10.75 -28.99 6.36
C SER B 143 10.77 -30.27 7.19
N ARG B 144 10.38 -30.16 8.46
CA ARG B 144 10.40 -31.32 9.34
C ARG B 144 9.16 -32.18 9.14
N GLY B 145 8.14 -31.62 8.50
CA GLY B 145 6.89 -32.32 8.25
C GLY B 145 5.85 -32.07 9.34
N LEU B 146 4.60 -31.81 8.93
CA LEU B 146 3.55 -31.51 9.90
C LEU B 146 3.24 -32.69 10.81
N ASP B 147 3.65 -33.89 10.42
CA ASP B 147 3.49 -35.05 11.30
C ASP B 147 4.45 -34.97 12.47
N ALA B 148 5.45 -34.10 12.38
CA ALA B 148 6.36 -33.86 13.51
C ALA B 148 6.15 -32.48 14.14
N LEU B 149 4.99 -31.87 13.90
CA LEU B 149 4.72 -30.53 14.41
C LEU B 149 4.98 -30.41 15.91
N GLY B 150 4.50 -31.38 16.68
CA GLY B 150 4.65 -31.34 18.12
C GLY B 150 6.09 -31.30 18.56
N ALA B 151 6.92 -32.16 17.98
CA ALA B 151 8.34 -32.24 18.31
C ALA B 151 9.05 -30.96 17.89
N THR B 152 8.72 -30.48 16.69
CA THR B 152 9.33 -29.25 16.21
C THR B 152 9.06 -28.12 17.20
N ILE B 153 7.81 -27.97 17.63
CA ILE B 153 7.45 -26.86 18.50
C ILE B 153 8.10 -27.04 19.88
N ALA B 154 8.08 -28.26 20.42
CA ALA B 154 8.70 -28.49 21.72
C ALA B 154 10.21 -28.19 21.66
N GLU B 155 10.83 -28.57 20.55
CA GLU B 155 12.26 -28.33 20.41
C GLU B 155 12.57 -26.83 20.33
N VAL B 156 11.80 -26.09 19.53
CA VAL B 156 12.03 -24.65 19.42
C VAL B 156 11.76 -23.99 20.77
N GLY B 157 10.73 -24.47 21.46
CA GLY B 157 10.37 -23.97 22.77
C GLY B 157 11.45 -24.16 23.81
N GLU B 158 12.22 -25.23 23.69
CA GLU B 158 13.35 -25.45 24.57
C GLU B 158 14.48 -24.49 24.23
N LEU B 159 14.72 -24.30 22.94
CA LEU B 159 15.81 -23.44 22.48
C LEU B 159 15.57 -21.96 22.82
N ASP B 160 14.31 -21.54 22.77
CA ASP B 160 13.92 -20.19 23.17
C ASP B 160 12.83 -20.30 24.21
N PRO B 161 13.21 -20.33 25.50
CA PRO B 161 12.24 -20.51 26.59
C PRO B 161 11.20 -19.40 26.65
N ASN B 162 11.48 -18.28 25.99
CA ASN B 162 10.57 -17.13 26.00
C ASN B 162 9.61 -17.12 24.82
N ALA B 163 9.77 -18.06 23.90
CA ALA B 163 9.00 -18.05 22.67
C ALA B 163 7.53 -18.42 22.91
N ARG B 164 6.67 -17.83 22.11
CA ARG B 164 5.26 -18.21 22.03
C ARG B 164 5.06 -18.82 20.64
N LEU B 165 4.47 -20.01 20.60
CA LEU B 165 4.50 -20.84 19.41
C LEU B 165 3.14 -21.45 19.08
N ASN B 166 2.11 -20.61 19.01
CA ASN B 166 0.77 -21.08 18.62
C ASN B 166 0.68 -21.21 17.10
N ILE B 167 0.53 -22.45 16.65
CA ILE B 167 0.46 -22.76 15.23
C ILE B 167 -0.97 -23.15 14.87
N LEU B 168 -1.40 -22.78 13.68
CA LEU B 168 -2.68 -23.26 13.15
C LEU B 168 -2.47 -23.55 11.67
N ALA B 169 -2.72 -24.80 11.27
CA ALA B 169 -2.36 -25.24 9.94
C ALA B 169 -3.43 -26.18 9.37
N ALA B 170 -3.51 -26.24 8.05
CA ALA B 170 -4.47 -27.11 7.40
C ALA B 170 -4.01 -27.51 6.00
N ASN B 171 -4.48 -28.68 5.56
CA ASN B 171 -4.07 -29.23 4.26
C ASN B 171 -5.24 -29.60 3.36
N GLY B 172 -6.43 -29.16 3.75
CA GLY B 172 -7.63 -29.37 2.96
C GLY B 172 -8.52 -30.46 3.54
N SER B 173 -7.92 -31.37 4.29
CA SER B 173 -8.64 -32.50 4.86
CA SER B 173 -8.65 -32.49 4.86
C SER B 173 -8.30 -32.70 6.34
N ARG B 174 -7.50 -31.79 6.89
CA ARG B 174 -7.00 -31.93 8.26
C ARG B 174 -6.58 -30.57 8.82
N LEU B 175 -6.87 -30.35 10.11
CA LEU B 175 -6.33 -29.20 10.85
C LEU B 175 -5.33 -29.68 11.87
N LEU B 176 -4.26 -28.91 12.05
CA LEU B 176 -3.29 -29.15 13.11
C LEU B 176 -3.02 -27.85 13.83
N ALA B 177 -2.89 -27.91 15.14
CA ALA B 177 -2.66 -26.70 15.91
C ALA B 177 -1.90 -26.98 17.19
N THR B 178 -1.14 -25.98 17.64
CA THR B 178 -0.49 -26.03 18.93
C THR B 178 -0.88 -24.84 19.80
N THR B 179 -1.01 -25.10 21.09
CA THR B 179 -0.97 -24.07 22.12
C THR B 179 0.40 -24.08 22.77
N TRP B 180 1.06 -22.93 22.77
CA TRP B 180 2.38 -22.80 23.37
C TRP B 180 2.57 -21.33 23.78
N GLY B 181 1.83 -20.90 24.78
CA GLY B 181 1.94 -19.56 25.32
C GLY B 181 0.89 -18.59 24.82
N ASP B 182 -0.08 -19.07 24.05
CA ASP B 182 -1.23 -18.22 23.70
C ASP B 182 -2.51 -19.06 23.56
N THR B 183 -3.60 -18.38 23.27
CA THR B 183 -4.94 -18.94 23.37
C THR B 183 -5.44 -19.70 22.14
N LEU B 184 -6.24 -20.73 22.38
CA LEU B 184 -6.96 -21.41 21.31
C LEU B 184 -8.22 -22.08 21.84
N SER B 185 -9.28 -22.04 21.04
CA SER B 185 -10.54 -22.68 21.38
C SER B 185 -11.03 -23.51 20.20
N VAL B 186 -11.95 -24.43 20.48
CA VAL B 186 -12.50 -25.31 19.46
C VAL B 186 -14.03 -25.27 19.54
N LEU B 187 -14.66 -25.30 18.38
CA LEU B 187 -16.12 -25.41 18.27
C LEU B 187 -16.48 -26.50 17.29
N ARG B 188 -17.21 -27.50 17.76
CA ARG B 188 -17.72 -28.52 16.87
C ARG B 188 -19.14 -28.17 16.44
N ARG B 189 -19.31 -27.97 15.14
CA ARG B 189 -20.62 -27.77 14.54
CA ARG B 189 -20.61 -27.76 14.53
C ARG B 189 -21.12 -29.07 13.93
N PRO B 190 -22.42 -29.13 13.60
CA PRO B 190 -22.91 -30.35 12.97
C PRO B 190 -22.26 -30.59 11.60
N ASP B 191 -21.74 -29.53 10.98
CA ASP B 191 -21.20 -29.62 9.62
C ASP B 191 -19.70 -29.33 9.52
N GLY B 192 -19.01 -29.26 10.65
CA GLY B 192 -17.57 -29.04 10.64
C GLY B 192 -17.01 -28.60 11.97
N VAL B 193 -15.72 -28.26 11.97
CA VAL B 193 -15.00 -27.90 13.19
C VAL B 193 -14.28 -26.56 12.98
N VAL B 194 -14.39 -25.68 13.98
CA VAL B 194 -13.65 -24.42 14.01
C VAL B 194 -12.53 -24.49 15.05
N LEU B 195 -11.35 -24.01 14.69
CA LEU B 195 -10.30 -23.71 15.67
C LEU B 195 -10.01 -22.24 15.57
N ALA B 196 -9.85 -21.58 16.71
CA ALA B 196 -9.69 -20.13 16.72
C ALA B 196 -8.99 -19.64 17.96
N SER B 197 -8.19 -18.59 17.79
CA SER B 197 -7.54 -17.93 18.90
C SER B 197 -8.55 -17.49 19.95
N GLU B 198 -9.70 -16.99 19.47
CA GLU B 198 -10.81 -16.59 20.35
C GLU B 198 -12.13 -17.08 19.78
N PRO B 199 -13.06 -17.52 20.65
CA PRO B 199 -14.41 -17.82 20.17
C PRO B 199 -14.97 -16.62 19.40
N TYR B 200 -15.63 -16.87 18.26
CA TYR B 200 -16.12 -15.79 17.44
C TYR B 200 -17.57 -15.43 17.81
N ASP B 201 -18.11 -16.11 18.81
CA ASP B 201 -19.41 -15.78 19.37
C ASP B 201 -19.54 -16.45 20.73
N ASP B 202 -20.73 -16.43 21.31
CA ASP B 202 -20.96 -17.03 22.62
C ASP B 202 -21.63 -18.41 22.56
N ASP B 203 -21.40 -19.14 21.48
CA ASP B 203 -21.92 -20.50 21.35
C ASP B 203 -21.52 -21.34 22.56
N PRO B 204 -22.48 -22.01 23.23
CA PRO B 204 -22.10 -22.79 24.40
C PRO B 204 -21.21 -23.99 24.07
N GLY B 205 -21.02 -24.27 22.79
CA GLY B 205 -20.15 -25.35 22.37
C GLY B 205 -18.67 -25.01 22.37
N TRP B 206 -18.31 -23.74 22.53
CA TRP B 206 -16.89 -23.37 22.54
C TRP B 206 -16.20 -23.98 23.75
N SER B 207 -15.00 -24.50 23.54
CA SER B 207 -14.19 -25.03 24.62
CA SER B 207 -14.19 -25.05 24.61
C SER B 207 -12.75 -24.61 24.42
N ASP B 208 -12.07 -24.30 25.53
CA ASP B 208 -10.70 -23.82 25.44
C ASP B 208 -9.68 -24.96 25.48
N ILE B 209 -8.66 -24.83 24.64
CA ILE B 209 -7.56 -25.80 24.62
C ILE B 209 -6.52 -25.45 25.67
N PRO B 210 -6.16 -26.40 26.55
CA PRO B 210 -5.14 -26.07 27.54
C PRO B 210 -3.78 -25.79 26.89
N ASP B 211 -2.93 -25.05 27.58
CA ASP B 211 -1.61 -24.72 27.04
C ASP B 211 -0.75 -25.96 26.83
N ARG B 212 0.25 -25.83 25.96
CA ARG B 212 1.19 -26.91 25.67
C ARG B 212 0.47 -28.19 25.22
N HIS B 213 -0.47 -28.03 24.29
CA HIS B 213 -1.15 -29.16 23.69
C HIS B 213 -1.16 -29.10 22.17
N LEU B 214 -1.32 -30.28 21.57
CA LEU B 214 -1.48 -30.44 20.13
C LEU B 214 -2.95 -30.75 19.84
N VAL B 215 -3.49 -30.13 18.80
CA VAL B 215 -4.85 -30.43 18.36
C VAL B 215 -4.82 -30.98 16.94
N ASP B 216 -5.53 -32.09 16.75
CA ASP B 216 -5.55 -32.79 15.46
C ASP B 216 -7.01 -33.03 15.08
N VAL B 217 -7.44 -32.40 13.98
CA VAL B 217 -8.81 -32.51 13.52
C VAL B 217 -8.83 -33.16 12.15
N ARG B 218 -9.57 -34.26 12.04
CA ARG B 218 -9.81 -34.90 10.76
C ARG B 218 -10.86 -35.98 10.93
N ASP B 219 -11.53 -36.33 9.83
CA ASP B 219 -12.54 -37.38 9.86
C ASP B 219 -13.55 -37.12 10.99
N ALA B 220 -13.83 -35.84 11.24
CA ALA B 220 -14.77 -35.39 12.27
C ALA B 220 -14.33 -35.76 13.69
N HIS B 221 -13.08 -36.19 13.84
CA HIS B 221 -12.47 -36.39 15.15
C HIS B 221 -11.72 -35.14 15.55
N VAL B 222 -11.80 -34.77 16.82
CA VAL B 222 -10.92 -33.76 17.40
C VAL B 222 -10.10 -34.43 18.49
N VAL B 223 -8.79 -34.51 18.29
CA VAL B 223 -7.91 -35.17 19.24
C VAL B 223 -6.93 -34.16 19.82
N VAL B 224 -6.95 -34.03 21.15
CA VAL B 224 -6.11 -33.09 21.87
C VAL B 224 -5.11 -33.87 22.71
N THR B 225 -3.82 -33.61 22.50
CA THR B 225 -2.77 -34.38 23.18
C THR B 225 -1.76 -33.43 23.83
N PRO B 226 -1.24 -33.80 25.01
CA PRO B 226 -0.23 -32.93 25.65
C PRO B 226 1.09 -32.94 24.89
N LEU B 227 1.77 -31.80 24.87
CA LEU B 227 3.14 -31.71 24.34
C LEU B 227 4.15 -31.62 25.48
N LEU B 228 4.97 -32.65 25.62
CA LEU B 228 6.02 -32.66 26.62
C LEU B 228 7.12 -31.67 26.27
N GLU B 229 7.62 -30.95 27.27
CA GLU B 229 8.76 -30.06 27.08
C GLU B 229 10.03 -30.87 26.80
N HIS B 230 10.95 -30.28 26.05
CA HIS B 230 12.24 -30.91 25.79
C HIS B 230 13.32 -30.39 26.75
N HIS B 231 14.26 -31.27 27.09
CA HIS B 231 15.34 -30.97 28.03
C HIS B 231 16.66 -31.58 27.58
N HIS B 232 16.94 -31.49 26.28
CA HIS B 232 18.16 -32.08 25.72
C HIS B 232 19.40 -31.29 26.12
N CYS C 2 16.43 -2.89 -13.05
CA CYS C 2 16.59 -1.74 -12.17
C CYS C 2 17.45 -0.66 -12.82
N ARG C 3 17.35 0.55 -12.30
CA ARG C 3 18.28 1.62 -12.62
C ARG C 3 18.66 2.29 -11.31
N HIS C 4 19.91 2.70 -11.13
CA HIS C 4 20.28 3.43 -9.93
C HIS C 4 21.19 4.63 -10.22
N VAL C 5 21.27 5.52 -9.24
CA VAL C 5 22.04 6.74 -9.36
C VAL C 5 22.60 7.07 -7.98
N ALA C 6 23.77 7.69 -7.97
CA ALA C 6 24.39 8.11 -6.73
C ALA C 6 25.10 9.43 -6.90
N TRP C 7 25.25 10.14 -5.78
CA TRP C 7 25.87 11.45 -5.72
C TRP C 7 26.84 11.51 -4.57
N LEU C 8 28.01 12.11 -4.81
CA LEU C 8 28.94 12.46 -3.73
C LEU C 8 29.51 13.85 -4.01
N GLY C 9 29.24 14.80 -3.11
CA GLY C 9 29.75 16.16 -3.26
C GLY C 9 29.09 17.16 -2.34
N ALA C 10 28.97 18.41 -2.78
CA ALA C 10 28.26 19.43 -2.01
C ALA C 10 26.78 19.05 -1.93
N PRO C 11 26.05 19.60 -0.93
CA PRO C 11 24.64 19.25 -0.76
C PRO C 11 23.82 19.43 -2.02
N ARG C 12 23.04 18.40 -2.33
CA ARG C 12 22.20 18.36 -3.50
C ARG C 12 20.87 17.73 -3.11
N SER C 13 19.75 18.25 -3.61
CA SER C 13 18.45 17.71 -3.20
C SER C 13 18.16 16.41 -3.92
N LEU C 14 17.35 15.57 -3.28
CA LEU C 14 16.93 14.32 -3.88
C LEU C 14 16.19 14.57 -5.18
N ALA C 15 15.35 15.62 -5.18
CA ALA C 15 14.56 15.94 -6.37
C ALA C 15 15.49 16.30 -7.53
N ASP C 16 16.52 17.07 -7.25
CA ASP C 16 17.41 17.53 -8.30
C ASP C 16 18.17 16.37 -8.93
N LEU C 17 18.46 15.34 -8.13
CA LEU C 17 19.20 14.18 -8.63
C LEU C 17 18.32 13.12 -9.29
N VAL C 18 17.09 12.97 -8.78
CA VAL C 18 16.24 11.83 -9.10
C VAL C 18 15.04 12.20 -9.97
N LEU C 19 14.39 13.31 -9.65
CA LEU C 19 13.11 13.66 -10.26
C LEU C 19 13.24 14.67 -11.39
N ASP C 20 14.15 15.63 -11.24
CA ASP C 20 14.19 16.80 -12.11
C ASP C 20 14.94 16.63 -13.45
N PRO C 21 15.98 15.77 -13.50
CA PRO C 21 16.67 15.68 -14.79
C PRO C 21 15.75 15.18 -15.90
N PRO C 22 15.98 15.65 -17.14
CA PRO C 22 15.08 15.32 -18.26
C PRO C 22 15.09 13.85 -18.64
N GLN C 23 16.12 13.11 -18.25
CA GLN C 23 16.19 11.68 -18.51
C GLN C 23 16.64 10.94 -17.25
N GLY C 24 16.28 11.47 -16.09
CA GLY C 24 16.71 10.91 -14.83
C GLY C 24 15.89 9.73 -14.35
N LEU C 25 16.07 9.36 -13.09
CA LEU C 25 15.46 8.16 -12.53
C LEU C 25 13.94 8.14 -12.66
N LEU C 26 13.30 9.29 -12.40
CA LEU C 26 11.85 9.40 -12.59
C LEU C 26 11.46 8.95 -14.01
N VAL C 27 12.14 9.51 -15.01
CA VAL C 27 11.84 9.16 -16.39
C VAL C 27 12.18 7.68 -16.67
N GLN C 28 13.26 7.19 -16.06
CA GLN C 28 13.67 5.80 -16.26
C GLN C 28 12.70 4.78 -15.64
N SER C 29 11.79 5.22 -14.78
CA SER C 29 10.83 4.30 -14.18
C SER C 29 9.82 3.83 -15.24
N TYR C 30 9.57 4.66 -16.26
CA TYR C 30 8.68 4.27 -17.36
C TYR C 30 9.33 4.25 -18.75
N ALA C 31 10.51 4.88 -18.90
CA ALA C 31 11.16 4.95 -20.22
C ALA C 31 12.68 4.98 -20.15
N PRO C 32 13.29 3.89 -19.67
CA PRO C 32 14.75 3.84 -19.61
C PRO C 32 15.37 3.84 -21.01
N ARG C 33 16.60 4.34 -21.14
CA ARG C 33 17.24 4.47 -22.46
C ARG C 33 18.30 3.41 -22.76
N ARG C 34 18.86 2.79 -21.72
CA ARG C 34 19.97 1.85 -21.91
C ARG C 34 19.77 0.58 -21.12
N GLN C 35 18.53 0.11 -21.03
CA GLN C 35 18.21 -1.05 -20.20
C GLN C 35 17.89 -2.28 -21.04
N LYS C 36 18.78 -3.27 -20.98
CA LYS C 36 18.62 -4.48 -21.77
C LYS C 36 17.60 -5.42 -21.15
N HIS C 37 17.54 -5.45 -19.82
CA HIS C 37 16.65 -6.35 -19.10
C HIS C 37 15.58 -5.57 -18.33
N GLY C 38 14.37 -5.60 -18.87
CA GLY C 38 13.26 -4.84 -18.33
C GLY C 38 12.94 -3.65 -19.21
N LEU C 39 11.65 -3.42 -19.46
CA LEU C 39 11.23 -2.32 -20.32
C LEU C 39 10.85 -1.08 -19.50
N MET C 40 10.82 -1.25 -18.19
CA MET C 40 10.42 -0.18 -17.27
C MET C 40 10.92 -0.57 -15.89
N ASN C 41 10.76 0.33 -14.92
CA ASN C 41 11.12 0.06 -13.54
C ASN C 41 10.03 0.58 -12.61
N ALA C 42 8.94 -0.17 -12.52
CA ALA C 42 7.70 0.27 -11.90
C ALA C 42 7.34 -0.52 -10.63
N ASP C 43 8.25 -1.39 -10.18
CA ASP C 43 7.97 -2.27 -9.05
C ASP C 43 8.52 -1.73 -7.72
N GLY C 44 8.64 -0.41 -7.65
CA GLY C 44 9.10 0.23 -6.44
C GLY C 44 10.31 1.10 -6.69
N TRP C 45 10.79 1.70 -5.61
CA TRP C 45 11.90 2.62 -5.67
C TRP C 45 12.43 2.84 -4.27
N GLY C 46 13.60 3.47 -4.20
CA GLY C 46 14.15 3.85 -2.92
C GLY C 46 15.12 4.98 -3.08
N ALA C 47 15.24 5.78 -2.03
CA ALA C 47 16.18 6.87 -1.98
C ALA C 47 16.82 6.90 -0.61
N GLY C 48 18.13 6.70 -0.60
CA GLY C 48 18.92 6.77 0.62
C GLY C 48 19.87 7.95 0.58
N PHE C 49 20.10 8.54 1.74
CA PHE C 49 21.00 9.68 1.84
C PHE C 49 21.61 9.74 3.22
N PHE C 50 22.66 10.55 3.36
CA PHE C 50 23.29 10.76 4.65
C PHE C 50 23.02 12.19 5.10
N ASP C 51 22.55 12.33 6.34
CA ASP C 51 22.18 13.65 6.86
C ASP C 51 23.43 14.37 7.35
N ASP C 52 23.24 15.55 7.92
CA ASP C 52 24.36 16.41 8.28
C ASP C 52 25.25 15.79 9.35
N ASP C 53 24.71 14.81 10.08
CA ASP C 53 25.47 14.11 11.09
C ASP C 53 26.06 12.80 10.56
N GLY C 54 25.89 12.55 9.27
CA GLY C 54 26.45 11.36 8.64
C GLY C 54 25.63 10.10 8.87
N VAL C 55 24.38 10.27 9.31
CA VAL C 55 23.49 9.15 9.56
C VAL C 55 22.77 8.72 8.29
N ALA C 56 22.79 7.42 8.01
CA ALA C 56 22.11 6.86 6.84
C ALA C 56 20.60 6.86 7.07
N ARG C 57 19.87 7.40 6.11
CA ARG C 57 18.41 7.39 6.17
C ARG C 57 17.85 6.93 4.83
N ARG C 58 16.68 6.30 4.87
CA ARG C 58 16.10 5.69 3.68
C ARG C 58 14.60 5.88 3.60
N TRP C 59 14.14 6.13 2.37
CA TRP C 59 12.73 6.18 2.01
C TRP C 59 12.54 5.14 0.91
N ARG C 60 11.67 4.15 1.16
CA ARG C 60 11.44 3.10 0.17
C ARG C 60 9.98 2.81 -0.05
N SER C 61 9.70 2.22 -1.22
CA SER C 61 8.33 1.99 -1.67
C SER C 61 8.28 0.79 -2.62
N ASP C 62 7.10 0.18 -2.72
CA ASP C 62 6.86 -0.89 -3.68
C ASP C 62 5.92 -0.44 -4.81
N LYS C 63 5.68 0.86 -4.91
CA LYS C 63 4.84 1.45 -5.96
C LYS C 63 5.67 2.18 -7.01
N PRO C 64 5.09 2.47 -8.18
CA PRO C 64 5.83 3.22 -9.21
C PRO C 64 6.23 4.63 -8.75
N LEU C 65 7.48 5.00 -8.99
CA LEU C 65 8.00 6.28 -8.54
C LEU C 65 7.20 7.46 -9.08
N TRP C 66 6.70 7.34 -10.31
CA TRP C 66 5.99 8.45 -10.93
C TRP C 66 4.69 8.78 -10.19
N GLY C 67 4.19 7.85 -9.40
CA GLY C 67 2.90 8.04 -8.75
C GLY C 67 2.96 8.56 -7.33
N ASP C 68 4.15 8.78 -6.80
CA ASP C 68 4.28 9.08 -5.38
C ASP C 68 4.27 10.58 -5.15
N ALA C 69 3.10 11.10 -4.77
CA ALA C 69 2.94 12.52 -4.58
C ALA C 69 3.71 13.02 -3.35
N SER C 70 3.87 12.16 -2.35
CA SER C 70 4.58 12.53 -1.13
C SER C 70 6.05 12.78 -1.44
N PHE C 71 6.66 11.86 -2.18
CA PHE C 71 8.06 12.02 -2.54
C PHE C 71 8.26 13.24 -3.43
N ALA C 72 7.36 13.44 -4.40
CA ALA C 72 7.45 14.60 -5.28
C ALA C 72 7.38 15.91 -4.49
N SER C 73 6.61 15.89 -3.41
CA SER C 73 6.42 17.08 -2.58
C SER C 73 7.63 17.31 -1.66
N VAL C 74 8.14 16.23 -1.08
CA VAL C 74 9.14 16.37 -0.02
C VAL C 74 10.60 16.33 -0.54
N ALA C 75 10.85 15.58 -1.61
CA ALA C 75 12.22 15.41 -2.13
C ALA C 75 13.02 16.70 -2.35
N PRO C 76 12.36 17.79 -2.80
CA PRO C 76 13.14 19.01 -3.00
C PRO C 76 13.69 19.60 -1.71
N ALA C 77 13.14 19.20 -0.58
CA ALA C 77 13.54 19.73 0.72
C ALA C 77 14.52 18.81 1.46
N LEU C 78 14.87 17.69 0.83
CA LEU C 78 15.87 16.78 1.37
C LEU C 78 17.16 16.93 0.61
N ARG C 79 18.15 17.54 1.25
CA ARG C 79 19.43 17.81 0.62
C ARG C 79 20.52 17.02 1.34
N SER C 80 21.46 16.51 0.57
CA SER C 80 22.52 15.66 1.12
C SER C 80 23.79 15.70 0.29
N ARG C 81 24.91 15.47 0.95
CA ARG C 81 26.19 15.37 0.28
C ARG C 81 26.41 13.98 -0.31
N CYS C 82 25.53 13.03 0.02
CA CYS C 82 25.73 11.67 -0.44
C CYS C 82 24.42 10.89 -0.51
N VAL C 83 24.09 10.45 -1.71
CA VAL C 83 22.80 9.89 -2.04
C VAL C 83 22.96 8.62 -2.88
N VAL C 84 22.09 7.63 -2.65
CA VAL C 84 21.97 6.46 -3.50
C VAL C 84 20.49 6.18 -3.71
N ALA C 85 20.06 6.16 -4.96
CA ALA C 85 18.64 5.96 -5.27
C ALA C 85 18.47 4.97 -6.40
N ALA C 86 17.30 4.33 -6.42
CA ALA C 86 17.04 3.30 -7.42
C ALA C 86 15.56 3.23 -7.74
N VAL C 87 15.28 2.75 -8.96
CA VAL C 87 13.94 2.35 -9.35
C VAL C 87 14.03 0.87 -9.73
N ARG C 88 13.00 0.12 -9.37
CA ARG C 88 13.06 -1.34 -9.43
C ARG C 88 12.26 -1.94 -10.58
N SER C 89 12.88 -2.89 -11.27
CA SER C 89 12.19 -3.82 -12.16
C SER C 89 12.31 -5.19 -11.53
N ALA C 90 11.22 -5.67 -10.93
CA ALA C 90 11.28 -6.91 -10.17
C ALA C 90 11.48 -8.10 -11.08
N THR C 91 12.39 -9.00 -10.70
CA THR C 91 12.50 -10.28 -11.37
C THR C 91 11.24 -11.10 -11.10
N ILE C 92 10.72 -11.73 -12.15
CA ILE C 92 9.54 -12.57 -12.02
C ILE C 92 9.77 -13.63 -10.95
N GLY C 93 8.82 -13.74 -10.03
CA GLY C 93 8.95 -14.69 -8.93
C GLY C 93 9.48 -14.06 -7.66
N MET C 94 10.07 -12.86 -7.77
CA MET C 94 10.56 -12.17 -6.58
C MET C 94 9.43 -11.37 -5.93
N PRO C 95 9.48 -11.22 -4.59
CA PRO C 95 8.49 -10.42 -3.88
C PRO C 95 8.54 -8.96 -4.28
N ILE C 96 7.39 -8.31 -4.28
CA ILE C 96 7.32 -6.86 -4.52
C ILE C 96 6.81 -6.25 -3.24
N GLU C 97 7.70 -5.54 -2.56
CA GLU C 97 7.49 -5.09 -1.19
C GLU C 97 8.61 -4.09 -0.90
N PRO C 98 8.34 -3.09 -0.03
CA PRO C 98 9.37 -2.06 0.19
C PRO C 98 10.73 -2.63 0.65
N SER C 99 10.72 -3.72 1.41
CA SER C 99 11.97 -4.26 1.93
C SER C 99 12.85 -4.84 0.81
N ALA C 100 12.24 -5.15 -0.33
CA ALA C 100 12.93 -5.72 -1.49
C ALA C 100 13.44 -4.66 -2.46
N SER C 101 13.12 -3.40 -2.21
CA SER C 101 13.59 -2.28 -3.03
C SER C 101 14.95 -1.77 -2.53
N ALA C 102 15.87 -1.52 -3.47
CA ALA C 102 17.11 -0.81 -3.13
C ALA C 102 16.81 0.65 -2.75
N PRO C 103 17.66 1.26 -1.91
CA PRO C 103 18.89 0.70 -1.35
C PRO C 103 18.70 -0.11 -0.08
N PHE C 104 19.48 -1.18 0.02
CA PHE C 104 19.64 -1.95 1.26
C PHE C 104 20.68 -1.26 2.11
N SER C 105 20.77 -1.66 3.37
CA SER C 105 21.69 -1.00 4.30
C SER C 105 22.13 -1.88 5.45
N ASP C 106 23.38 -1.72 5.85
CA ASP C 106 23.87 -2.34 7.08
C ASP C 106 24.00 -1.31 8.19
N GLY C 107 23.51 -0.10 7.91
CA GLY C 107 23.58 1.01 8.85
C GLY C 107 24.71 1.97 8.55
N GLN C 108 25.69 1.51 7.77
CA GLN C 108 26.87 2.29 7.41
C GLN C 108 26.90 2.57 5.92
N TRP C 109 26.59 1.53 5.14
CA TRP C 109 26.59 1.61 3.70
C TRP C 109 25.18 1.47 3.15
N LEU C 110 24.87 2.27 2.13
CA LEU C 110 23.68 2.09 1.32
C LEU C 110 24.08 1.33 0.08
N LEU C 111 23.25 0.42 -0.40
CA LEU C 111 23.67 -0.45 -1.51
C LEU C 111 22.52 -0.82 -2.42
N SER C 112 22.72 -0.60 -3.73
CA SER C 112 21.77 -1.00 -4.76
C SER C 112 22.36 -2.07 -5.67
N HIS C 113 21.52 -3.02 -6.07
CA HIS C 113 21.88 -4.03 -7.06
C HIS C 113 20.99 -3.98 -8.30
N ASN C 114 21.64 -3.89 -9.46
CA ASN C 114 20.97 -4.01 -10.75
C ASN C 114 21.46 -5.31 -11.39
N GLY C 115 20.57 -6.28 -11.46
CA GLY C 115 20.88 -7.53 -12.11
C GLY C 115 20.11 -8.70 -11.53
N LEU C 116 20.77 -9.84 -11.46
CA LEU C 116 20.11 -11.10 -11.15
C LEU C 116 21.16 -12.11 -10.73
N VAL C 117 20.90 -12.89 -9.70
CA VAL C 117 21.85 -13.91 -9.27
C VAL C 117 21.13 -15.09 -8.65
N ASP C 118 21.62 -16.29 -8.93
CA ASP C 118 21.10 -17.52 -8.37
C ASP C 118 21.38 -17.54 -6.88
N ARG C 119 20.32 -17.47 -6.09
CA ARG C 119 20.48 -17.45 -4.64
C ARG C 119 21.14 -18.74 -4.15
N GLY C 120 21.07 -19.79 -4.96
CA GLY C 120 21.72 -21.06 -4.67
C GLY C 120 23.25 -21.02 -4.57
N VAL C 121 23.90 -20.00 -5.13
CA VAL C 121 25.36 -19.90 -5.02
C VAL C 121 25.76 -18.91 -3.94
N LEU C 122 24.76 -18.31 -3.30
CA LEU C 122 24.98 -17.39 -2.19
C LEU C 122 24.79 -18.15 -0.87
N PRO C 123 25.53 -17.75 0.18
CA PRO C 123 25.27 -18.40 1.47
C PRO C 123 23.86 -18.13 1.98
N LEU C 124 23.29 -19.10 2.69
CA LEU C 124 22.05 -18.81 3.41
C LEU C 124 22.39 -17.78 4.47
N THR C 125 21.41 -16.97 4.83
CA THR C 125 21.63 -15.92 5.81
C THR C 125 20.39 -15.65 6.64
N GLY C 126 20.61 -15.18 7.86
CA GLY C 126 19.53 -14.73 8.73
C GLY C 126 19.52 -13.22 8.86
N ALA C 127 20.38 -12.56 8.08
CA ALA C 127 20.62 -11.13 8.28
C ALA C 127 20.22 -10.28 7.08
N ALA C 128 19.41 -10.84 6.19
CA ALA C 128 18.95 -10.11 5.00
C ALA C 128 17.69 -9.30 5.27
N GLU C 129 17.51 -8.21 4.53
CA GLU C 129 16.33 -7.36 4.69
C GLU C 129 15.10 -7.90 3.98
N SER C 130 15.32 -8.87 3.10
CA SER C 130 14.26 -9.41 2.28
C SER C 130 14.72 -10.73 1.70
N THR C 131 13.84 -11.42 0.99
CA THR C 131 14.18 -12.71 0.39
C THR C 131 14.62 -12.56 -1.07
N VAL C 132 14.47 -11.36 -1.62
CA VAL C 132 14.85 -11.11 -3.00
C VAL C 132 16.36 -11.35 -3.17
N ASP C 133 16.75 -11.83 -4.34
CA ASP C 133 18.15 -12.21 -4.56
C ASP C 133 19.08 -11.04 -4.23
N SER C 134 18.68 -9.83 -4.59
CA SER C 134 19.50 -8.64 -4.31
C SER C 134 19.78 -8.44 -2.81
N ALA C 135 18.83 -8.84 -1.98
CA ALA C 135 18.97 -8.63 -0.54
C ALA C 135 19.92 -9.66 0.05
N ILE C 136 19.85 -10.88 -0.49
CA ILE C 136 20.72 -11.97 -0.06
C ILE C 136 22.17 -11.63 -0.46
N LEU C 137 22.31 -11.06 -1.65
CA LEU C 137 23.60 -10.61 -2.17
C LEU C 137 24.14 -9.46 -1.34
N ALA C 138 23.27 -8.50 -1.01
CA ALA C 138 23.68 -7.38 -0.18
C ALA C 138 24.20 -7.87 1.17
N ALA C 139 23.52 -8.85 1.75
CA ALA C 139 23.93 -9.39 3.04
C ALA C 139 25.32 -10.00 2.94
N LEU C 140 25.58 -10.71 1.86
CA LEU C 140 26.90 -11.27 1.62
C LEU C 140 27.92 -10.14 1.53
N ILE C 141 27.62 -9.12 0.73
CA ILE C 141 28.56 -8.04 0.49
C ILE C 141 28.87 -7.32 1.80
N PHE C 142 27.82 -7.03 2.57
CA PHE C 142 28.00 -6.38 3.86
C PHE C 142 28.85 -7.23 4.81
N SER C 143 28.63 -8.53 4.82
CA SER C 143 29.33 -9.40 5.78
C SER C 143 30.84 -9.48 5.47
N ARG C 144 31.19 -9.41 4.20
CA ARG C 144 32.60 -9.45 3.80
C ARG C 144 33.27 -8.08 3.90
N GLY C 145 32.48 -7.02 3.90
CA GLY C 145 33.01 -5.67 3.95
C GLY C 145 33.15 -5.06 2.56
N LEU C 146 32.87 -3.77 2.45
CA LEU C 146 32.88 -3.11 1.16
C LEU C 146 34.30 -2.97 0.59
N ASP C 147 35.31 -3.03 1.45
CA ASP C 147 36.68 -3.00 0.95
C ASP C 147 37.02 -4.28 0.20
N ALA C 148 36.14 -5.28 0.26
CA ALA C 148 36.32 -6.52 -0.48
C ALA C 148 35.24 -6.70 -1.56
N LEU C 149 34.59 -5.60 -1.95
CA LEU C 149 33.51 -5.66 -2.93
C LEU C 149 33.95 -6.34 -4.23
N GLY C 150 35.12 -5.95 -4.73
CA GLY C 150 35.62 -6.49 -5.98
C GLY C 150 35.74 -7.99 -5.91
N ALA C 151 36.39 -8.48 -4.86
CA ALA C 151 36.59 -9.91 -4.67
C ALA C 151 35.25 -10.64 -4.52
N THR C 152 34.33 -10.04 -3.80
CA THR C 152 33.04 -10.67 -3.58
C THR C 152 32.31 -10.83 -4.91
N ILE C 153 32.28 -9.77 -5.71
CA ILE C 153 31.56 -9.80 -6.97
C ILE C 153 32.22 -10.77 -7.94
N ALA C 154 33.54 -10.74 -8.03
CA ALA C 154 34.25 -11.63 -8.92
C ALA C 154 33.98 -13.10 -8.56
N GLU C 155 33.96 -13.40 -7.25
CA GLU C 155 33.71 -14.77 -6.82
C GLU C 155 32.28 -15.20 -7.15
N VAL C 156 31.30 -14.34 -6.91
CA VAL C 156 29.91 -14.69 -7.20
C VAL C 156 29.75 -14.83 -8.71
N GLY C 157 30.38 -13.94 -9.47
CA GLY C 157 30.35 -14.03 -10.92
C GLY C 157 30.86 -15.35 -11.45
N GLU C 158 31.85 -15.92 -10.77
CA GLU C 158 32.41 -17.20 -11.20
C GLU C 158 31.45 -18.35 -10.88
N LEU C 159 30.85 -18.29 -9.70
CA LEU C 159 29.91 -19.31 -9.27
C LEU C 159 28.64 -19.32 -10.14
N ASP C 160 28.20 -18.14 -10.56
CA ASP C 160 27.04 -18.00 -11.43
C ASP C 160 27.41 -17.20 -12.68
N PRO C 161 27.88 -17.88 -13.74
CA PRO C 161 28.31 -17.22 -14.98
C PRO C 161 27.18 -16.44 -15.65
N ASN C 162 25.94 -16.69 -15.26
CA ASN C 162 24.81 -15.97 -15.85
C ASN C 162 24.41 -14.74 -15.03
N ALA C 163 25.07 -14.51 -13.89
CA ALA C 163 24.65 -13.44 -13.00
C ALA C 163 25.02 -12.06 -13.56
N ARG C 164 24.14 -11.10 -13.34
CA ARG C 164 24.46 -9.69 -13.56
C ARG C 164 24.58 -9.05 -12.18
N LEU C 165 25.70 -8.38 -11.96
CA LEU C 165 26.08 -7.97 -10.62
C LEU C 165 26.55 -6.51 -10.55
N ASN C 166 25.70 -5.60 -11.02
CA ASN C 166 25.98 -4.17 -10.91
C ASN C 166 25.61 -3.64 -9.55
N ILE C 167 26.62 -3.22 -8.81
CA ILE C 167 26.43 -2.69 -7.47
C ILE C 167 26.68 -1.19 -7.49
N LEU C 168 25.91 -0.46 -6.70
CA LEU C 168 26.18 0.96 -6.47
C LEU C 168 25.94 1.21 -4.98
N ALA C 169 26.99 1.65 -4.30
CA ALA C 169 26.97 1.75 -2.84
C ALA C 169 27.65 3.03 -2.36
N ALA C 170 27.29 3.47 -1.15
CA ALA C 170 27.86 4.69 -0.58
C ALA C 170 27.80 4.70 0.94
N ASN C 171 28.74 5.41 1.57
CA ASN C 171 28.87 5.45 3.03
C ASN C 171 28.89 6.86 3.62
N GLY C 172 28.60 7.84 2.78
CA GLY C 172 28.55 9.24 3.19
C GLY C 172 29.73 10.06 2.71
N SER C 173 30.86 9.40 2.47
CA SER C 173 32.04 10.11 1.99
C SER C 173 32.80 9.30 0.93
N ARG C 174 32.11 8.31 0.37
CA ARG C 174 32.70 7.43 -0.63
C ARG C 174 31.60 6.72 -1.42
N LEU C 175 31.82 6.58 -2.74
CA LEU C 175 30.99 5.72 -3.59
C LEU C 175 31.79 4.51 -4.06
N LEU C 176 31.11 3.37 -4.13
CA LEU C 176 31.69 2.17 -4.73
C LEU C 176 30.68 1.61 -5.72
N ALA C 177 31.16 1.19 -6.88
CA ALA C 177 30.28 0.59 -7.88
C ALA C 177 30.98 -0.48 -8.69
N THR C 178 30.20 -1.41 -9.20
CA THR C 178 30.71 -2.43 -10.11
C THR C 178 29.89 -2.48 -11.38
N THR C 179 30.58 -2.71 -12.49
CA THR C 179 29.94 -3.13 -13.72
C THR C 179 30.21 -4.62 -13.87
N TRP C 180 29.13 -5.40 -14.00
CA TRP C 180 29.24 -6.84 -14.20
C TRP C 180 27.98 -7.32 -14.91
N GLY C 181 27.89 -6.97 -16.18
CA GLY C 181 26.79 -7.42 -17.01
C GLY C 181 25.71 -6.38 -17.23
N ASP C 182 25.90 -5.17 -16.72
CA ASP C 182 24.98 -4.07 -17.02
C ASP C 182 25.70 -2.72 -17.01
N THR C 183 24.94 -1.66 -17.28
CA THR C 183 25.53 -0.36 -17.61
C THR C 183 25.82 0.56 -16.42
N LEU C 184 26.87 1.35 -16.57
CA LEU C 184 27.18 2.40 -15.62
C LEU C 184 27.95 3.53 -16.30
N SER C 185 27.62 4.77 -15.94
CA SER C 185 28.30 5.96 -16.44
C SER C 185 28.70 6.87 -15.28
N VAL C 186 29.65 7.77 -15.53
CA VAL C 186 30.08 8.73 -14.53
C VAL C 186 30.00 10.15 -15.08
N LEU C 187 29.65 11.10 -14.22
CA LEU C 187 29.67 12.53 -14.56
C LEU C 187 30.35 13.33 -13.46
N ARG C 188 31.47 13.95 -13.80
CA ARG C 188 32.15 14.87 -12.90
C ARG C 188 31.53 16.26 -13.03
N ARG C 189 30.99 16.79 -11.93
CA ARG C 189 30.51 18.16 -11.87
C ARG C 189 31.52 19.04 -11.15
N PRO C 190 31.33 20.36 -11.20
CA PRO C 190 32.27 21.20 -10.44
C PRO C 190 32.17 20.98 -8.94
N ASP C 191 31.03 20.48 -8.48
CA ASP C 191 30.77 20.35 -7.04
C ASP C 191 30.56 18.91 -6.57
N GLY C 192 30.87 17.95 -7.43
CA GLY C 192 30.76 16.55 -7.04
C GLY C 192 30.71 15.58 -8.20
N VAL C 193 30.38 14.33 -7.89
CA VAL C 193 30.43 13.25 -8.86
C VAL C 193 29.13 12.47 -8.85
N VAL C 194 28.61 12.19 -10.05
CA VAL C 194 27.45 11.31 -10.23
C VAL C 194 27.89 9.97 -10.80
N LEU C 195 27.36 8.88 -10.23
CA LEU C 195 27.41 7.56 -10.86
C LEU C 195 25.97 7.13 -11.16
N ALA C 196 25.74 6.54 -12.32
CA ALA C 196 24.38 6.19 -12.72
C ALA C 196 24.36 5.07 -13.74
N SER C 197 23.33 4.21 -13.66
CA SER C 197 23.12 3.17 -14.66
C SER C 197 23.12 3.77 -16.07
N GLU C 198 22.55 4.97 -16.20
CA GLU C 198 22.58 5.68 -17.47
C GLU C 198 22.53 7.19 -17.24
N PRO C 199 23.12 7.95 -18.17
CA PRO C 199 23.12 9.42 -18.06
C PRO C 199 21.70 9.97 -17.89
N TYR C 200 21.53 10.93 -16.97
CA TYR C 200 20.22 11.50 -16.73
C TYR C 200 19.94 12.69 -17.64
N ASP C 201 20.90 13.02 -18.51
CA ASP C 201 20.69 14.00 -19.57
C ASP C 201 21.73 13.75 -20.65
N ASP C 202 21.96 14.74 -21.51
CA ASP C 202 22.90 14.58 -22.62
C ASP C 202 24.14 15.45 -22.45
N ASP C 203 24.54 15.64 -21.20
CA ASP C 203 25.78 16.34 -20.89
C ASP C 203 26.95 15.63 -21.59
N PRO C 204 27.73 16.36 -22.40
CA PRO C 204 28.90 15.72 -23.04
C PRO C 204 29.91 15.19 -22.02
N GLY C 205 29.80 15.64 -20.77
CA GLY C 205 30.67 15.19 -19.70
C GLY C 205 30.49 13.73 -19.32
N TRP C 206 29.35 13.14 -19.65
CA TRP C 206 29.10 11.75 -19.27
C TRP C 206 30.13 10.80 -19.89
N SER C 207 30.61 9.87 -19.08
CA SER C 207 31.57 8.89 -19.52
C SER C 207 31.13 7.49 -19.10
N ASP C 208 31.17 6.54 -20.04
CA ASP C 208 30.72 5.17 -19.76
C ASP C 208 31.82 4.33 -19.12
N ILE C 209 31.43 3.52 -18.14
CA ILE C 209 32.37 2.64 -17.45
C ILE C 209 32.38 1.29 -18.16
N PRO C 210 33.58 0.82 -18.54
CA PRO C 210 33.62 -0.51 -19.18
C PRO C 210 33.17 -1.62 -18.25
N ASP C 211 32.73 -2.74 -18.85
CA ASP C 211 32.25 -3.88 -18.09
C ASP C 211 33.36 -4.49 -17.24
N ARG C 212 32.96 -5.20 -16.20
CA ARG C 212 33.89 -5.88 -15.29
C ARG C 212 34.94 -4.92 -14.72
N HIS C 213 34.47 -3.79 -14.23
CA HIS C 213 35.30 -2.83 -13.49
C HIS C 213 34.69 -2.41 -12.17
N LEU C 214 35.56 -1.92 -11.28
CA LEU C 214 35.18 -1.32 -10.02
C LEU C 214 35.40 0.18 -10.10
N VAL C 215 34.43 0.95 -9.62
CA VAL C 215 34.58 2.40 -9.51
C VAL C 215 34.60 2.80 -8.04
N ASP C 216 35.56 3.66 -7.69
CA ASP C 216 35.82 4.07 -6.32
C ASP C 216 35.95 5.59 -6.31
N VAL C 217 34.98 6.27 -5.71
CA VAL C 217 34.93 7.73 -5.70
C VAL C 217 35.09 8.28 -4.30
N ARG C 218 36.09 9.12 -4.11
CA ARG C 218 36.39 9.67 -2.80
C ARG C 218 37.44 10.76 -2.90
N ASP C 219 37.27 11.79 -2.09
CA ASP C 219 38.24 12.88 -1.99
C ASP C 219 38.52 13.47 -3.38
N ALA C 220 37.45 13.62 -4.15
CA ALA C 220 37.50 14.20 -5.49
C ALA C 220 38.27 13.32 -6.50
N HIS C 221 38.57 12.08 -6.11
CA HIS C 221 39.19 11.12 -7.03
C HIS C 221 38.14 10.17 -7.59
N VAL C 222 38.23 9.86 -8.88
CA VAL C 222 37.45 8.76 -9.47
C VAL C 222 38.42 7.67 -9.90
N VAL C 223 38.43 6.58 -9.14
CA VAL C 223 39.39 5.50 -9.33
C VAL C 223 38.69 4.31 -9.97
N VAL C 224 39.12 3.96 -11.17
CA VAL C 224 38.53 2.88 -11.93
C VAL C 224 39.56 1.78 -12.10
N THR C 225 39.20 0.57 -11.67
CA THR C 225 40.11 -0.58 -11.70
C THR C 225 39.37 -1.82 -12.23
N PRO C 226 40.10 -2.72 -12.91
CA PRO C 226 39.42 -3.90 -13.45
C PRO C 226 39.10 -4.96 -12.41
N LEU C 227 38.00 -5.67 -12.61
CA LEU C 227 37.66 -6.84 -11.83
C LEU C 227 38.10 -8.07 -12.58
N LEU C 228 39.10 -8.77 -12.04
CA LEU C 228 39.67 -9.91 -12.73
C LEU C 228 38.91 -11.18 -12.37
N GLU C 229 38.56 -11.96 -13.39
CA GLU C 229 37.75 -13.15 -13.21
C GLU C 229 38.46 -14.14 -12.29
N HIS C 230 37.69 -14.81 -11.46
CA HIS C 230 38.22 -15.86 -10.59
C HIS C 230 38.11 -17.20 -11.29
N HIS C 231 39.08 -18.09 -11.04
CA HIS C 231 39.15 -19.37 -11.72
C HIS C 231 39.93 -20.38 -10.89
N CYS D 2 -9.58 11.45 15.03
CA CYS D 2 -8.24 11.89 14.63
C CYS D 2 -7.56 12.59 15.80
N ARG D 3 -6.25 12.75 15.69
CA ARG D 3 -5.49 13.62 16.58
C ARG D 3 -4.58 14.45 15.69
N HIS D 4 -4.38 15.72 16.01
CA HIS D 4 -3.41 16.49 15.24
C HIS D 4 -2.54 17.34 16.16
N VAL D 5 -1.49 17.89 15.57
CA VAL D 5 -0.53 18.68 16.32
C VAL D 5 0.07 19.68 15.36
N ALA D 6 0.48 20.82 15.90
CA ALA D 6 1.08 21.87 15.09
C ALA D 6 2.18 22.57 15.86
N TRP D 7 3.16 23.05 15.11
CA TRP D 7 4.29 23.77 15.67
C TRP D 7 4.49 25.06 14.92
N LEU D 8 4.76 26.12 15.66
CA LEU D 8 5.24 27.37 15.09
C LEU D 8 6.37 27.91 15.96
N GLY D 9 7.55 28.05 15.37
CA GLY D 9 8.69 28.59 16.10
C GLY D 9 10.01 28.33 15.43
N ALA D 10 11.07 28.20 16.22
CA ALA D 10 12.37 27.87 15.68
C ALA D 10 12.31 26.49 15.03
N PRO D 11 13.24 26.18 14.12
CA PRO D 11 13.13 24.91 13.43
C PRO D 11 13.10 23.72 14.37
N ARG D 12 12.17 22.81 14.10
CA ARG D 12 11.98 21.60 14.88
C ARG D 12 11.84 20.43 13.91
N SER D 13 12.40 19.27 14.23
CA SER D 13 12.27 18.13 13.32
C SER D 13 10.87 17.52 13.45
N LEU D 14 10.37 16.97 12.35
CA LEU D 14 9.10 16.23 12.39
C LEU D 14 9.14 15.13 13.43
N ALA D 15 10.27 14.44 13.52
CA ALA D 15 10.39 13.35 14.48
C ALA D 15 10.22 13.89 15.89
N ASP D 16 10.87 15.01 16.18
CA ASP D 16 10.86 15.56 17.53
C ASP D 16 9.47 16.00 17.96
N LEU D 17 8.65 16.39 16.99
CA LEU D 17 7.28 16.80 17.26
C LEU D 17 6.28 15.64 17.28
N VAL D 18 6.49 14.67 16.40
CA VAL D 18 5.47 13.66 16.10
C VAL D 18 5.82 12.27 16.66
N LEU D 19 7.07 11.86 16.51
CA LEU D 19 7.46 10.49 16.86
C LEU D 19 8.05 10.35 18.24
N ASP D 20 8.82 11.34 18.66
CA ASP D 20 9.68 11.21 19.84
C ASP D 20 9.02 11.47 21.21
N PRO D 21 8.01 12.35 21.26
CA PRO D 21 7.42 12.57 22.58
C PRO D 21 6.77 11.32 23.17
N PRO D 22 6.79 11.17 24.51
CA PRO D 22 6.35 9.93 25.14
C PRO D 22 4.85 9.66 25.02
N GLN D 23 4.07 10.71 24.76
CA GLN D 23 2.64 10.56 24.54
C GLN D 23 2.22 11.35 23.30
N GLY D 24 3.11 11.38 22.31
CA GLY D 24 2.90 12.16 21.11
C GLY D 24 2.05 11.45 20.08
N LEU D 25 2.02 12.02 18.88
CA LEU D 25 1.12 11.56 17.82
C LEU D 25 1.31 10.08 17.51
N LEU D 26 2.55 9.63 17.50
CA LEU D 26 2.85 8.21 17.27
C LEU D 26 2.16 7.32 18.28
N VAL D 27 2.27 7.69 19.56
CA VAL D 27 1.64 6.91 20.62
C VAL D 27 0.13 7.00 20.49
N GLN D 28 -0.34 8.19 20.10
CA GLN D 28 -1.77 8.42 19.94
C GLN D 28 -2.37 7.63 18.78
N SER D 29 -1.54 7.11 17.89
CA SER D 29 -2.05 6.34 16.76
C SER D 29 -2.65 5.02 17.27
N TYR D 30 -2.14 4.52 18.39
CA TYR D 30 -2.66 3.28 18.96
C TYR D 30 -3.17 3.44 20.41
N ALA D 31 -2.83 4.54 21.08
CA ALA D 31 -3.25 4.74 22.46
C ALA D 31 -3.44 6.21 22.85
N PRO D 32 -4.43 6.88 22.23
CA PRO D 32 -4.73 8.27 22.59
C PRO D 32 -5.28 8.37 24.02
N ARG D 33 -5.05 9.50 24.70
CA ARG D 33 -5.43 9.65 26.10
C ARG D 33 -6.72 10.45 26.34
N ARG D 34 -7.11 11.27 25.35
CA ARG D 34 -8.22 12.20 25.54
C ARG D 34 -9.17 12.20 24.34
N GLN D 35 -9.34 11.03 23.74
CA GLN D 35 -10.13 10.89 22.54
C GLN D 35 -11.45 10.18 22.85
N LYS D 36 -12.56 10.92 22.78
CA LYS D 36 -13.86 10.35 23.07
C LYS D 36 -14.37 9.51 21.90
N HIS D 37 -14.05 9.94 20.68
CA HIS D 37 -14.52 9.28 19.47
C HIS D 37 -13.38 8.63 18.70
N GLY D 38 -13.34 7.30 18.77
CA GLY D 38 -12.26 6.52 18.20
C GLY D 38 -11.33 6.04 19.30
N LEU D 39 -11.02 4.75 19.29
CA LEU D 39 -10.14 4.17 20.30
C LEU D 39 -8.70 4.18 19.82
N MET D 40 -8.50 4.63 18.59
CA MET D 40 -7.18 4.62 17.95
C MET D 40 -7.22 5.48 16.71
N ASN D 41 -6.06 5.72 16.10
CA ASN D 41 -5.96 6.48 14.86
C ASN D 41 -5.01 5.78 13.90
N ALA D 42 -5.51 4.72 13.27
CA ALA D 42 -4.68 3.79 12.51
C ALA D 42 -5.00 3.79 11.02
N ASP D 43 -5.85 4.71 10.59
CA ASP D 43 -6.31 4.73 9.20
C ASP D 43 -5.53 5.71 8.33
N GLY D 44 -4.27 5.94 8.70
CA GLY D 44 -3.43 6.84 7.93
C GLY D 44 -2.89 7.95 8.81
N TRP D 45 -2.14 8.84 8.17
CA TRP D 45 -1.48 9.93 8.85
C TRP D 45 -0.97 10.91 7.79
N GLY D 46 -0.56 12.08 8.25
CA GLY D 46 0.00 13.07 7.37
C GLY D 46 0.86 14.04 8.13
N ALA D 47 1.88 14.55 7.44
CA ALA D 47 2.75 15.57 7.99
C ALA D 47 3.01 16.60 6.92
N GLY D 48 2.61 17.83 7.22
CA GLY D 48 2.84 18.95 6.34
C GLY D 48 3.73 19.95 7.04
N PHE D 49 4.59 20.60 6.26
CA PHE D 49 5.52 21.57 6.80
C PHE D 49 5.87 22.61 5.76
N PHE D 50 6.39 23.74 6.24
CA PHE D 50 6.87 24.79 5.37
C PHE D 50 8.39 24.79 5.37
N ASP D 51 8.98 24.79 4.18
CA ASP D 51 10.43 24.74 4.07
C ASP D 51 11.01 26.15 4.25
N ASP D 52 12.33 26.25 4.16
CA ASP D 52 13.02 27.52 4.42
C ASP D 52 12.59 28.62 3.45
N ASP D 53 11.96 28.25 2.34
CA ASP D 53 11.45 29.21 1.37
C ASP D 53 9.95 29.46 1.50
N GLY D 54 9.34 28.90 2.55
CA GLY D 54 7.92 29.08 2.77
C GLY D 54 7.01 28.24 1.88
N VAL D 55 7.57 27.26 1.18
CA VAL D 55 6.74 26.38 0.36
C VAL D 55 6.14 25.27 1.23
N ALA D 56 4.83 25.06 1.11
CA ALA D 56 4.15 24.00 1.83
C ALA D 56 4.47 22.66 1.18
N ARG D 57 4.84 21.68 2.00
CA ARG D 57 5.15 20.35 1.52
C ARG D 57 4.44 19.33 2.41
N ARG D 58 4.08 18.19 1.83
CA ARG D 58 3.26 17.19 2.53
C ARG D 58 3.66 15.76 2.23
N TRP D 59 3.63 14.93 3.28
CA TRP D 59 3.83 13.49 3.23
C TRP D 59 2.60 12.86 3.85
N ARG D 60 1.86 12.07 3.07
CA ARG D 60 0.61 11.50 3.55
C ARG D 60 0.56 10.01 3.26
N SER D 61 -0.20 9.28 4.10
CA SER D 61 -0.30 7.83 3.99
C SER D 61 -1.69 7.36 4.42
N ASP D 62 -2.07 6.17 3.96
CA ASP D 62 -3.29 5.55 4.45
C ASP D 62 -2.99 4.37 5.37
N LYS D 63 -1.73 4.24 5.80
CA LYS D 63 -1.34 3.16 6.72
C LYS D 63 -1.12 3.65 8.15
N PRO D 64 -1.07 2.73 9.14
CA PRO D 64 -0.81 3.17 10.51
C PRO D 64 0.56 3.84 10.64
N LEU D 65 0.61 4.99 11.31
CA LEU D 65 1.85 5.72 11.51
C LEU D 65 2.95 4.86 12.15
N TRP D 66 2.57 3.98 13.06
CA TRP D 66 3.56 3.22 13.82
C TRP D 66 4.33 2.22 12.95
N GLY D 67 3.80 1.94 11.77
CA GLY D 67 4.37 0.94 10.88
C GLY D 67 5.22 1.49 9.75
N ASP D 68 5.31 2.81 9.65
CA ASP D 68 5.99 3.41 8.50
C ASP D 68 7.47 3.59 8.77
N ALA D 69 8.26 2.69 8.18
CA ALA D 69 9.70 2.66 8.40
C ALA D 69 10.40 3.81 7.70
N SER D 70 9.86 4.22 6.57
CA SER D 70 10.42 5.35 5.82
C SER D 70 10.30 6.65 6.59
N PHE D 71 9.11 6.91 7.13
CA PHE D 71 8.92 8.14 7.89
C PHE D 71 9.77 8.12 9.16
N ALA D 72 9.84 6.98 9.82
CA ALA D 72 10.66 6.87 11.03
C ALA D 72 12.12 7.16 10.72
N SER D 73 12.56 6.77 9.52
CA SER D 73 13.95 6.96 9.14
C SER D 73 14.22 8.40 8.71
N VAL D 74 13.28 9.00 7.98
CA VAL D 74 13.52 10.30 7.36
C VAL D 74 13.11 11.48 8.26
N ALA D 75 12.09 11.30 9.09
CA ALA D 75 11.50 12.41 9.84
C ALA D 75 12.49 13.21 10.70
N PRO D 76 13.48 12.54 11.31
CA PRO D 76 14.46 13.32 12.07
C PRO D 76 15.23 14.34 11.25
N ALA D 77 15.34 14.12 9.94
CA ALA D 77 16.12 15.00 9.07
C ALA D 77 15.27 16.09 8.41
N LEU D 78 13.97 16.09 8.69
CA LEU D 78 13.07 17.14 8.18
C LEU D 78 12.75 18.15 9.27
N ARG D 79 13.32 19.34 9.15
CA ARG D 79 13.16 20.38 10.17
C ARG D 79 12.39 21.55 9.58
N SER D 80 11.53 22.15 10.39
CA SER D 80 10.70 23.23 9.91
C SER D 80 10.28 24.16 11.03
N ARG D 81 10.10 25.42 10.68
CA ARG D 81 9.56 26.41 11.60
C ARG D 81 8.04 26.33 11.73
N CYS D 82 7.39 25.55 10.87
CA CYS D 82 5.92 25.47 10.87
C CYS D 82 5.40 24.13 10.36
N VAL D 83 4.75 23.38 11.24
CA VAL D 83 4.34 22.00 10.97
C VAL D 83 2.88 21.76 11.37
N VAL D 84 2.15 21.03 10.54
CA VAL D 84 0.83 20.52 10.90
C VAL D 84 0.81 19.04 10.56
N ALA D 85 0.59 18.20 11.56
CA ALA D 85 0.54 16.75 11.36
C ALA D 85 -0.68 16.11 12.03
N ALA D 86 -1.08 14.94 11.52
CA ALA D 86 -2.26 14.27 12.02
C ALA D 86 -2.14 12.76 11.90
N VAL D 87 -2.87 12.06 12.77
CA VAL D 87 -3.12 10.64 12.60
C VAL D 87 -4.63 10.47 12.49
N ARG D 88 -5.05 9.56 11.62
CA ARG D 88 -6.45 9.48 11.25
C ARG D 88 -7.19 8.31 11.86
N SER D 89 -8.40 8.59 12.36
CA SER D 89 -9.38 7.56 12.64
C SER D 89 -10.54 7.78 11.69
N ALA D 90 -10.65 6.92 10.69
CA ALA D 90 -11.65 7.12 9.64
C ALA D 90 -13.05 6.82 10.17
N THR D 91 -13.95 7.77 9.94
CA THR D 91 -15.37 7.55 10.15
C THR D 91 -15.82 6.37 9.30
N ILE D 92 -16.61 5.47 9.88
CA ILE D 92 -17.11 4.33 9.14
C ILE D 92 -17.88 4.82 7.92
N GLY D 93 -17.56 4.28 6.75
CA GLY D 93 -18.22 4.70 5.53
C GLY D 93 -17.39 5.64 4.68
N MET D 94 -16.37 6.24 5.28
CA MET D 94 -15.46 7.12 4.53
C MET D 94 -14.34 6.31 3.89
N PRO D 95 -13.82 6.79 2.75
CA PRO D 95 -12.72 6.08 2.10
C PRO D 95 -11.43 6.18 2.92
N ILE D 96 -10.64 5.11 2.91
CA ILE D 96 -9.31 5.11 3.52
C ILE D 96 -8.28 5.10 2.40
N GLU D 97 -7.57 6.21 2.26
CA GLU D 97 -6.75 6.51 1.09
C GLU D 97 -5.93 7.76 1.42
N PRO D 98 -4.71 7.90 0.85
CA PRO D 98 -3.88 9.03 1.29
C PRO D 98 -4.53 10.41 1.05
N SER D 99 -5.34 10.54 0.00
CA SER D 99 -5.97 11.83 -0.31
C SER D 99 -6.93 12.27 0.80
N ALA D 100 -7.43 11.30 1.57
CA ALA D 100 -8.41 11.57 2.63
C ALA D 100 -7.75 11.85 3.98
N SER D 101 -6.42 11.69 4.06
CA SER D 101 -5.69 11.98 5.29
C SER D 101 -5.33 13.45 5.40
N ALA D 102 -5.49 14.02 6.61
CA ALA D 102 -4.99 15.36 6.87
C ALA D 102 -3.46 15.34 6.85
N PRO D 103 -2.81 16.48 6.56
CA PRO D 103 -3.40 17.79 6.27
C PRO D 103 -3.78 18.01 4.80
N PHE D 104 -4.87 18.75 4.60
CA PHE D 104 -5.25 19.23 3.28
C PHE D 104 -4.50 20.54 3.02
N SER D 105 -4.48 20.98 1.77
CA SER D 105 -3.76 22.20 1.42
C SER D 105 -4.35 22.89 0.20
N ASP D 106 -4.33 24.22 0.24
CA ASP D 106 -4.64 25.01 -0.95
C ASP D 106 -3.36 25.67 -1.49
N GLY D 107 -2.21 25.21 -1.00
CA GLY D 107 -0.93 25.75 -1.43
C GLY D 107 -0.41 26.85 -0.50
N GLN D 108 -1.33 27.52 0.17
CA GLN D 108 -1.00 28.62 1.09
C GLN D 108 -1.13 28.16 2.54
N TRP D 109 -2.23 27.45 2.81
CA TRP D 109 -2.54 26.93 4.14
C TRP D 109 -2.50 25.40 4.16
N LEU D 110 -2.02 24.85 5.28
CA LEU D 110 -2.23 23.44 5.63
C LEU D 110 -3.39 23.38 6.60
N LEU D 111 -4.17 22.31 6.56
CA LEU D 111 -5.37 22.24 7.40
C LEU D 111 -5.74 20.82 7.76
N SER D 112 -5.97 20.58 9.05
CA SER D 112 -6.42 19.29 9.54
C SER D 112 -7.77 19.43 10.22
N HIS D 113 -8.61 18.41 10.06
CA HIS D 113 -9.90 18.38 10.72
C HIS D 113 -10.01 17.14 11.60
N ASN D 114 -10.38 17.37 12.86
CA ASN D 114 -10.73 16.30 13.80
C ASN D 114 -12.22 16.42 14.12
N GLY D 115 -13.01 15.45 13.65
CA GLY D 115 -14.44 15.48 13.88
C GLY D 115 -15.24 14.81 12.78
N LEU D 116 -16.44 15.32 12.60
CA LEU D 116 -17.41 14.69 11.70
C LEU D 116 -18.44 15.74 11.31
N VAL D 117 -18.82 15.76 10.04
CA VAL D 117 -19.84 16.70 9.58
C VAL D 117 -20.64 16.11 8.44
N ASP D 118 -21.94 16.37 8.47
CA ASP D 118 -22.85 15.95 7.42
C ASP D 118 -22.54 16.71 6.14
N ARG D 119 -22.08 15.99 5.11
CA ARG D 119 -21.72 16.66 3.87
C ARG D 119 -22.93 17.35 3.23
N GLY D 120 -24.11 16.92 3.64
CA GLY D 120 -25.35 17.53 3.17
C GLY D 120 -25.52 18.99 3.54
N VAL D 121 -24.83 19.48 4.57
CA VAL D 121 -24.97 20.90 4.94
C VAL D 121 -23.82 21.72 4.37
N LEU D 122 -22.91 21.05 3.65
CA LEU D 122 -21.79 21.71 3.01
C LEU D 122 -22.07 21.86 1.52
N PRO D 123 -21.55 22.94 0.91
CA PRO D 123 -21.75 23.08 -0.54
C PRO D 123 -21.07 21.97 -1.33
N LEU D 124 -21.68 21.54 -2.42
CA LEU D 124 -20.98 20.68 -3.37
C LEU D 124 -19.77 21.45 -3.85
N THR D 125 -18.68 20.77 -4.17
CA THR D 125 -17.47 21.47 -4.55
C THR D 125 -16.73 20.69 -5.64
N GLY D 126 -16.01 21.43 -6.47
CA GLY D 126 -15.12 20.84 -7.46
C GLY D 126 -13.66 20.97 -7.05
N ALA D 127 -13.42 21.49 -5.85
CA ALA D 127 -12.06 21.79 -5.40
C ALA D 127 -11.59 20.92 -4.23
N ALA D 128 -12.28 19.83 -3.96
CA ALA D 128 -11.89 18.95 -2.85
C ALA D 128 -10.81 17.96 -3.27
N GLU D 129 -9.89 17.66 -2.36
CA GLU D 129 -8.83 16.68 -2.59
C GLU D 129 -9.29 15.22 -2.47
N SER D 130 -10.49 15.03 -1.93
CA SER D 130 -11.01 13.69 -1.63
C SER D 130 -12.51 13.83 -1.42
N THR D 131 -13.19 12.70 -1.24
CA THR D 131 -14.63 12.72 -1.01
C THR D 131 -15.01 12.67 0.47
N VAL D 132 -14.03 12.48 1.34
CA VAL D 132 -14.28 12.41 2.79
C VAL D 132 -14.84 13.75 3.29
N ASP D 133 -15.66 13.71 4.34
CA ASP D 133 -16.31 14.92 4.81
C ASP D 133 -15.29 16.02 5.15
N SER D 134 -14.16 15.65 5.75
CA SER D 134 -13.12 16.61 6.09
C SER D 134 -12.56 17.35 4.87
N ALA D 135 -12.48 16.66 3.74
CA ALA D 135 -11.93 17.32 2.54
C ALA D 135 -12.96 18.30 1.97
N ILE D 136 -14.24 17.93 2.04
CA ILE D 136 -15.30 18.82 1.58
C ILE D 136 -15.32 20.06 2.49
N LEU D 137 -15.17 19.83 3.79
CA LEU D 137 -15.12 20.93 4.76
C LEU D 137 -13.91 21.83 4.54
N ALA D 138 -12.75 21.22 4.32
CA ALA D 138 -11.54 21.99 4.03
C ALA D 138 -11.76 22.89 2.81
N ALA D 139 -12.36 22.33 1.76
CA ALA D 139 -12.62 23.11 0.55
C ALA D 139 -13.46 24.35 0.84
N LEU D 140 -14.49 24.17 1.67
CA LEU D 140 -15.33 25.29 2.09
C LEU D 140 -14.51 26.32 2.86
N ILE D 141 -13.74 25.85 3.83
CA ILE D 141 -12.92 26.75 4.66
C ILE D 141 -11.95 27.55 3.79
N PHE D 142 -11.23 26.86 2.91
CA PHE D 142 -10.30 27.51 1.99
C PHE D 142 -11.03 28.54 1.12
N SER D 143 -12.20 28.16 0.62
CA SER D 143 -12.98 29.06 -0.24
C SER D 143 -13.39 30.34 0.48
N ARG D 144 -13.85 30.22 1.72
CA ARG D 144 -14.28 31.37 2.49
C ARG D 144 -13.11 32.21 3.00
N GLY D 145 -11.93 31.59 3.06
CA GLY D 145 -10.73 32.25 3.56
C GLY D 145 -10.48 31.95 5.03
N LEU D 146 -9.23 31.71 5.40
CA LEU D 146 -8.92 31.42 6.80
C LEU D 146 -9.19 32.63 7.70
N ASP D 147 -9.23 33.82 7.10
CA ASP D 147 -9.57 35.03 7.85
C ASP D 147 -11.01 34.93 8.39
N ALA D 148 -11.78 34.00 7.84
CA ALA D 148 -13.18 33.83 8.25
C ALA D 148 -13.42 32.43 8.81
N LEU D 149 -12.35 31.78 9.28
CA LEU D 149 -12.43 30.43 9.83
C LEU D 149 -13.50 30.32 10.91
N GLY D 150 -13.49 31.28 11.85
CA GLY D 150 -14.43 31.27 12.95
C GLY D 150 -15.86 31.30 12.48
N ALA D 151 -16.15 32.23 11.57
CA ALA D 151 -17.49 32.37 11.03
C ALA D 151 -17.91 31.09 10.29
N THR D 152 -17.01 30.54 9.47
CA THR D 152 -17.30 29.32 8.73
C THR D 152 -17.68 28.20 9.68
N ILE D 153 -16.88 28.01 10.73
CA ILE D 153 -17.13 26.90 11.64
C ILE D 153 -18.41 27.13 12.43
N ALA D 154 -18.65 28.36 12.88
CA ALA D 154 -19.86 28.64 13.64
C ALA D 154 -21.10 28.40 12.77
N GLU D 155 -21.00 28.74 11.49
CA GLU D 155 -22.13 28.54 10.59
C GLU D 155 -22.37 27.04 10.36
N VAL D 156 -21.31 26.28 10.08
CA VAL D 156 -21.48 24.85 9.84
C VAL D 156 -22.00 24.19 11.10
N GLY D 157 -21.52 24.63 12.26
CA GLY D 157 -21.94 24.08 13.53
C GLY D 157 -23.42 24.30 13.82
N GLU D 158 -23.95 25.42 13.35
CA GLU D 158 -25.36 25.73 13.49
C GLU D 158 -26.20 24.84 12.57
N LEU D 159 -25.71 24.62 11.36
CA LEU D 159 -26.40 23.78 10.38
C LEU D 159 -26.42 22.31 10.78
N ASP D 160 -25.30 21.83 11.31
CA ASP D 160 -25.19 20.46 11.81
C ASP D 160 -24.80 20.45 13.29
N PRO D 161 -25.81 20.45 14.18
CA PRO D 161 -25.52 20.51 15.61
C PRO D 161 -24.88 19.25 16.18
N ASN D 162 -24.78 18.20 15.37
CA ASN D 162 -24.08 16.99 15.78
C ASN D 162 -22.63 17.00 15.31
N ALA D 163 -22.27 17.99 14.51
CA ALA D 163 -20.93 18.03 13.94
C ALA D 163 -19.88 18.35 14.99
N ARG D 164 -18.71 17.76 14.82
CA ARG D 164 -17.53 18.13 15.59
C ARG D 164 -16.57 18.77 14.59
N LEU D 165 -16.07 19.95 14.93
CA LEU D 165 -15.41 20.80 13.94
C LEU D 165 -14.09 21.39 14.45
N ASN D 166 -13.20 20.52 14.90
CA ASN D 166 -11.88 20.94 15.36
C ASN D 166 -10.94 21.09 14.19
N ILE D 167 -10.51 22.32 13.95
CA ILE D 167 -9.62 22.63 12.84
C ILE D 167 -8.26 23.01 13.41
N LEU D 168 -7.22 22.65 12.68
CA LEU D 168 -5.88 23.09 12.99
C LEU D 168 -5.19 23.41 11.69
N ALA D 169 -4.78 24.66 11.53
CA ALA D 169 -4.27 25.14 10.26
C ALA D 169 -3.06 26.05 10.44
N ALA D 170 -2.27 26.19 9.38
CA ALA D 170 -1.06 27.00 9.42
C ALA D 170 -0.64 27.45 8.02
N ASN D 171 0.04 28.59 7.97
CA ASN D 171 0.46 29.22 6.70
C ASN D 171 1.95 29.52 6.65
N GLY D 172 2.69 29.02 7.65
CA GLY D 172 4.13 29.24 7.73
C GLY D 172 4.53 30.27 8.77
N SER D 173 3.63 31.19 9.10
CA SER D 173 3.94 32.25 10.05
CA SER D 173 3.93 32.26 10.05
C SER D 173 2.83 32.42 11.10
N ARG D 174 1.82 31.56 11.02
CA ARG D 174 0.65 31.71 11.87
C ARG D 174 -0.04 30.37 12.06
N LEU D 175 -0.59 30.13 13.24
CA LEU D 175 -1.47 28.99 13.47
C LEU D 175 -2.89 29.49 13.73
N LEU D 176 -3.86 28.78 13.17
CA LEU D 176 -5.27 28.99 13.48
C LEU D 176 -5.91 27.68 13.86
N ALA D 177 -6.75 27.69 14.89
CA ALA D 177 -7.45 26.48 15.31
C ALA D 177 -8.82 26.75 15.89
N THR D 178 -9.70 25.77 15.79
CA THR D 178 -10.98 25.83 16.48
C THR D 178 -11.20 24.61 17.36
N THR D 179 -11.83 24.85 18.51
CA THR D 179 -12.45 23.80 19.30
C THR D 179 -13.94 23.84 19.03
N TRP D 180 -14.50 22.71 18.61
CA TRP D 180 -15.93 22.59 18.39
C TRP D 180 -16.32 21.14 18.57
N GLY D 181 -16.37 20.70 19.82
CA GLY D 181 -16.79 19.35 20.16
C GLY D 181 -15.65 18.35 20.33
N ASP D 182 -14.40 18.81 20.25
CA ASP D 182 -13.27 17.95 20.59
C ASP D 182 -12.15 18.74 21.25
N THR D 183 -11.10 18.02 21.66
CA THR D 183 -10.09 18.58 22.55
C THR D 183 -8.97 19.32 21.84
N LEU D 184 -8.41 20.32 22.52
CA LEU D 184 -7.20 21.01 22.08
C LEU D 184 -6.47 21.61 23.26
N SER D 185 -5.14 21.57 23.22
CA SER D 185 -4.31 22.17 24.25
C SER D 185 -3.18 22.94 23.64
N VAL D 186 -2.57 23.80 24.43
CA VAL D 186 -1.48 24.62 23.94
C VAL D 186 -0.31 24.53 24.90
N LEU D 187 0.89 24.53 24.32
CA LEU D 187 2.12 24.55 25.09
C LEU D 187 3.04 25.64 24.55
N ARG D 188 3.38 26.60 25.42
CA ARG D 188 4.31 27.66 25.07
C ARG D 188 5.71 27.24 25.49
N ARG D 189 6.60 27.12 24.50
CA ARG D 189 8.00 26.79 24.75
C ARG D 189 8.83 28.06 24.60
N PRO D 190 10.10 27.99 25.02
CA PRO D 190 10.97 29.17 24.85
C PRO D 190 11.19 29.53 23.39
N ASP D 191 11.09 28.54 22.49
CA ASP D 191 11.45 28.72 21.09
C ASP D 191 10.27 28.53 20.14
N GLY D 192 9.06 28.45 20.68
CA GLY D 192 7.88 28.29 19.85
C GLY D 192 6.64 27.87 20.61
N VAL D 193 5.58 27.57 19.88
CA VAL D 193 4.30 27.21 20.45
C VAL D 193 3.80 25.92 19.82
N VAL D 194 3.24 25.05 20.65
CA VAL D 194 2.57 23.83 20.19
C VAL D 194 1.08 23.93 20.38
N LEU D 195 0.32 23.57 19.35
CA LEU D 195 -1.10 23.30 19.49
C LEU D 195 -1.32 21.82 19.22
N ALA D 196 -2.13 21.17 20.06
CA ALA D 196 -2.28 19.72 19.97
C ALA D 196 -3.62 19.25 20.49
N SER D 197 -4.19 18.25 19.81
CA SER D 197 -5.42 17.60 20.28
C SER D 197 -5.30 17.22 21.75
N GLU D 198 -4.15 16.66 22.12
CA GLU D 198 -3.85 16.36 23.52
C GLU D 198 -2.35 16.52 23.79
N PRO D 199 -1.98 16.86 25.03
CA PRO D 199 -0.57 17.02 25.39
C PRO D 199 0.28 15.81 25.02
N TYR D 200 1.49 16.03 24.49
CA TYR D 200 2.34 14.92 24.08
C TYR D 200 3.29 14.47 25.19
N ASP D 201 3.18 15.10 26.36
CA ASP D 201 3.89 14.65 27.56
C ASP D 201 3.16 15.23 28.78
N ASP D 202 3.81 15.24 29.94
CA ASP D 202 3.19 15.76 31.15
C ASP D 202 3.81 17.08 31.58
N ASP D 203 4.27 17.87 30.61
CA ASP D 203 4.81 19.21 30.87
C ASP D 203 3.74 20.05 31.59
N PRO D 204 4.08 20.63 32.76
CA PRO D 204 3.04 21.39 33.48
C PRO D 204 2.63 22.67 32.76
N GLY D 205 3.32 23.00 31.69
CA GLY D 205 2.98 24.18 30.89
C GLY D 205 1.78 23.99 29.99
N TRP D 206 1.37 22.75 29.78
CA TRP D 206 0.21 22.48 28.93
C TRP D 206 -1.04 23.15 29.51
N SER D 207 -1.84 23.75 28.64
CA SER D 207 -3.09 24.37 29.05
CA SER D 207 -3.08 24.37 29.06
C SER D 207 -4.17 24.05 28.05
N ASP D 208 -5.37 23.74 28.54
CA ASP D 208 -6.45 23.33 27.68
C ASP D 208 -7.25 24.50 27.15
N ILE D 209 -7.57 24.41 25.87
CA ILE D 209 -8.37 25.43 25.19
C ILE D 209 -9.84 25.13 25.41
N PRO D 210 -10.63 26.14 25.85
CA PRO D 210 -12.05 25.87 26.05
C PRO D 210 -12.79 25.59 24.76
N ASP D 211 -13.89 24.86 24.87
CA ASP D 211 -14.65 24.46 23.70
C ASP D 211 -15.28 25.68 23.04
N ARG D 212 -15.57 25.54 21.76
CA ARG D 212 -16.22 26.57 20.97
C ARG D 212 -15.42 27.88 21.00
N HIS D 213 -14.13 27.75 20.74
CA HIS D 213 -13.23 28.89 20.69
C HIS D 213 -12.32 28.83 19.47
N LEU D 214 -11.84 30.00 19.08
CA LEU D 214 -10.83 30.16 18.04
C LEU D 214 -9.50 30.45 18.72
N VAL D 215 -8.44 29.81 18.22
CA VAL D 215 -7.09 30.09 18.68
C VAL D 215 -6.26 30.66 17.53
N ASP D 216 -5.54 31.74 17.84
CA ASP D 216 -4.73 32.46 16.88
C ASP D 216 -3.31 32.60 17.42
N VAL D 217 -2.34 31.97 16.75
CA VAL D 217 -0.93 32.02 17.18
C VAL D 217 -0.04 32.70 16.14
N ARG D 218 0.71 33.71 16.57
CA ARG D 218 1.73 34.33 15.75
C ARG D 218 2.96 34.63 16.57
N ASP D 219 3.92 35.28 15.93
N ASP D 219 3.88 35.39 16.00
CA ASP D 219 5.20 35.73 16.52
CA ASP D 219 4.90 36.17 16.73
C ASP D 219 5.55 35.02 17.82
C ASP D 219 4.88 36.00 18.26
N ALA D 220 4.83 35.39 18.87
N ALA D 220 4.88 34.75 18.73
CA ALA D 220 4.91 34.69 20.14
CA ALA D 220 4.87 34.44 20.17
C ALA D 220 3.67 35.04 20.96
C ALA D 220 3.69 35.07 20.93
N HIS D 221 2.55 35.21 20.25
CA HIS D 221 1.28 35.58 20.88
C HIS D 221 0.29 34.44 20.72
N VAL D 222 -0.52 34.18 21.74
CA VAL D 222 -1.60 33.20 21.67
C VAL D 222 -2.91 33.87 22.08
N VAL D 223 -3.82 34.03 21.12
CA VAL D 223 -5.09 34.73 21.37
C VAL D 223 -6.24 33.74 21.22
N VAL D 224 -7.02 33.64 22.29
CA VAL D 224 -8.14 32.72 22.35
C VAL D 224 -9.44 33.53 22.42
N THR D 225 -10.36 33.28 21.49
CA THR D 225 -11.62 34.03 21.42
C THR D 225 -12.80 33.10 21.17
N PRO D 226 -13.99 33.50 21.66
CA PRO D 226 -15.14 32.61 21.49
C PRO D 226 -15.70 32.60 20.08
N LEU D 227 -16.22 31.45 19.67
CA LEU D 227 -16.96 31.35 18.42
C LEU D 227 -18.43 31.62 18.69
N LEU D 228 -18.92 32.74 18.17
CA LEU D 228 -20.27 33.21 18.46
C LEU D 228 -21.26 32.71 17.42
N GLU D 229 -22.46 32.32 17.89
CA GLU D 229 -23.56 31.83 17.06
C GLU D 229 -23.46 32.11 15.56
#